data_9K03
#
_entry.id   9K03
#
_cell.length_a   103.375
_cell.length_b   113.038
_cell.length_c   70.550
_cell.angle_alpha   90.00
_cell.angle_beta   106.39
_cell.angle_gamma   90.00
#
_symmetry.space_group_name_H-M   'C 1 2 1'
#
loop_
_entity.id
_entity.type
_entity.pdbx_description
1 polymer 'Phosphoribosylformylglycinamidine cyclo-ligase'
2 non-polymer 'PHOSPHOAMINOPHOSPHONIC ACID-ADENYLATE ESTER'
3 non-polymer 'MANGANESE (II) ION'
4 non-polymer 'POTASSIUM ION'
5 water water
#
_entity_poly.entity_id   1
_entity_poly.type   'polypeptide(L)'
_entity_poly.pdbx_seq_one_letter_code
;TARALREIIRTARETFKLRKGKVGEPGDIGHYAALLDFGNFYLAMTTDGVGTKVLVAEAVGKFDTIGIDMIAMNVNDLLC
VGAEPLALVDYFAVKEPNEEVFKQVAKGLYKGAEEAGVAIVGGETAVMPDLINGYDLAGTAIGIVEKGKVITGERIRPGD
SVIGISSSGIHSNGLTLARKLLIPKYGLDYEYEGRKLWEWLLEPTRIYVRPILELINSVEVHGLAAITGGGLLNLKRLTN
YGFELEMPPIEGIFKLIHENGVPLDEMFRVFNMGVGFIVVVPQEEKEEALEILSRHYKSYELGNVTRELGKIKVKNYGIT
L
;
_entity_poly.pdbx_strand_id   A,B
#
loop_
_chem_comp.id
_chem_comp.type
_chem_comp.name
_chem_comp.formula
ANP non-polymer 'PHOSPHOAMINOPHOSPHONIC ACID-ADENYLATE ESTER' 'C10 H17 N6 O12 P3'
K non-polymer 'POTASSIUM ION' 'K 1'
MN non-polymer 'MANGANESE (II) ION' 'Mn 2'
#
# COMPACT_ATOMS: atom_id res chain seq x y z
N THR A 1 -6.78 -20.43 2.08
CA THR A 1 -6.57 -18.99 2.28
C THR A 1 -6.08 -18.72 3.69
N ALA A 2 -6.78 -19.30 4.66
CA ALA A 2 -6.39 -19.10 6.05
C ALA A 2 -5.07 -19.81 6.35
N ARG A 3 -4.85 -20.98 5.75
CA ARG A 3 -3.59 -21.69 5.94
C ARG A 3 -2.44 -20.96 5.26
N ALA A 4 -2.68 -20.42 4.05
CA ALA A 4 -1.65 -19.65 3.37
C ALA A 4 -1.36 -18.34 4.11
N LEU A 5 -2.41 -17.61 4.49
CA LEU A 5 -2.22 -16.34 5.18
C LEU A 5 -1.52 -16.52 6.52
N ARG A 6 -1.77 -17.64 7.21
CA ARG A 6 -1.15 -17.86 8.52
C ARG A 6 0.37 -17.78 8.45
N GLU A 7 0.97 -18.21 7.33
CA GLU A 7 2.42 -18.12 7.22
C GLU A 7 2.88 -16.67 7.29
N ILE A 8 2.20 -15.78 6.55
CA ILE A 8 2.58 -14.36 6.58
C ILE A 8 2.25 -13.74 7.93
N ILE A 9 1.07 -14.05 8.48
CA ILE A 9 0.71 -13.50 9.79
C ILE A 9 1.75 -13.88 10.84
N ARG A 10 2.17 -15.15 10.84
CA ARG A 10 3.13 -15.61 11.84
C ARG A 10 4.47 -14.92 11.67
N THR A 11 4.91 -14.75 10.42
CA THR A 11 6.16 -14.01 10.19
C THR A 11 6.04 -12.57 10.65
N ALA A 12 4.92 -11.92 10.33
CA ALA A 12 4.70 -10.55 10.76
C ALA A 12 4.80 -10.41 12.28
N ARG A 13 4.12 -11.29 13.01
CA ARG A 13 4.16 -11.24 14.47
C ARG A 13 5.59 -11.38 14.98
N GLU A 14 6.40 -12.20 14.30
CA GLU A 14 7.80 -12.38 14.70
C GLU A 14 8.59 -11.08 14.59
N THR A 15 8.31 -10.27 13.57
CA THR A 15 9.05 -9.02 13.37
C THR A 15 8.70 -7.94 14.38
N PHE A 16 7.65 -8.12 15.18
CA PHE A 16 7.27 -7.08 16.15
C PHE A 16 8.44 -6.71 17.05
N LYS A 17 9.24 -7.69 17.46
CA LYS A 17 10.30 -7.44 18.42
C LYS A 17 11.36 -6.48 17.89
N LEU A 18 11.40 -6.24 16.57
CA LEU A 18 12.35 -5.29 16.02
C LEU A 18 12.06 -3.86 16.46
N ARG A 19 10.83 -3.57 16.89
CA ARG A 19 10.49 -2.25 17.40
C ARG A 19 10.11 -2.29 18.88
N LYS A 20 10.46 -3.38 19.59
CA LYS A 20 10.08 -3.49 20.99
C LYS A 20 10.75 -2.39 21.81
N GLY A 21 9.93 -1.67 22.58
CA GLY A 21 10.43 -0.57 23.38
C GLY A 21 10.89 0.63 22.60
N LYS A 22 10.63 0.67 21.30
CA LYS A 22 11.08 1.76 20.44
C LYS A 22 9.89 2.47 19.83
N VAL A 23 10.16 3.63 19.24
CA VAL A 23 9.14 4.35 18.48
C VAL A 23 8.61 3.45 17.37
N GLY A 24 7.28 3.31 17.31
CA GLY A 24 6.64 2.49 16.32
C GLY A 24 6.24 1.11 16.78
N GLU A 25 6.44 0.78 18.06
CA GLU A 25 6.11 -0.55 18.52
C GLU A 25 4.65 -0.86 18.24
N PRO A 26 4.33 -1.99 17.63
CA PRO A 26 2.94 -2.29 17.26
C PRO A 26 2.19 -3.05 18.34
N GLY A 27 0.86 -3.01 18.21
CA GLY A 27 0.00 -3.99 18.84
C GLY A 27 -0.04 -5.24 17.98
N ASP A 28 -1.02 -6.08 18.26
CA ASP A 28 -1.14 -7.36 17.57
C ASP A 28 -1.89 -7.21 16.24
N ILE A 29 -1.65 -8.17 15.34
CA ILE A 29 -2.39 -8.24 14.09
C ILE A 29 -3.74 -8.88 14.33
N GLY A 30 -4.74 -8.44 13.57
CA GLY A 30 -6.06 -9.04 13.61
C GLY A 30 -7.18 -8.01 13.51
N HIS A 31 -6.90 -6.79 13.95
CA HIS A 31 -7.93 -5.76 13.97
C HIS A 31 -8.01 -5.08 12.62
N TYR A 32 -8.81 -4.00 12.54
CA TYR A 32 -9.02 -3.29 11.29
C TYR A 32 -7.81 -2.48 10.88
N ALA A 33 -6.90 -2.19 11.81
CA ALA A 33 -5.69 -1.41 11.53
C ALA A 33 -4.65 -1.78 12.56
N ALA A 34 -3.40 -1.47 12.25
CA ALA A 34 -2.31 -1.60 13.22
C ALA A 34 -2.18 -0.32 14.04
N LEU A 35 -1.76 -0.49 15.30
CA LEU A 35 -1.54 0.64 16.19
C LEU A 35 -0.08 0.70 16.58
N LEU A 36 0.55 1.84 16.35
CA LEU A 36 1.98 2.01 16.56
C LEU A 36 2.23 3.03 17.67
N ASP A 37 3.05 2.67 18.65
CA ASP A 37 3.31 3.52 19.80
C ASP A 37 4.28 4.63 19.41
N PHE A 38 3.80 5.87 19.37
CA PHE A 38 4.63 7.04 19.14
C PHE A 38 4.77 7.88 20.41
N GLY A 39 4.59 7.27 21.57
CA GLY A 39 4.76 7.96 22.83
C GLY A 39 3.52 8.71 23.30
N ASN A 40 3.31 9.91 22.78
CA ASN A 40 2.14 10.69 23.17
C ASN A 40 0.86 10.19 22.50
N PHE A 41 0.96 9.42 21.42
CA PHE A 41 -0.21 9.04 20.66
C PHE A 41 0.08 7.74 19.91
N TYR A 42 -0.98 7.13 19.41
CA TYR A 42 -0.86 5.99 18.52
C TYR A 42 -1.01 6.44 17.09
N LEU A 43 -0.22 5.86 16.21
CA LEU A 43 -0.47 5.96 14.77
C LEU A 43 -1.19 4.70 14.33
N ALA A 44 -2.25 4.87 13.55
CA ALA A 44 -3.01 3.77 12.97
C ALA A 44 -2.63 3.63 11.51
N MET A 45 -2.48 2.38 11.05
CA MET A 45 -2.02 2.04 9.70
C MET A 45 -2.84 0.89 9.14
N THR A 46 -3.31 1.04 7.91
CA THR A 46 -4.16 0.06 7.28
C THR A 46 -3.96 0.11 5.77
N THR A 47 -4.24 -1.01 5.11
CA THR A 47 -4.14 -1.04 3.66
C THR A 47 -5.22 -1.94 3.10
N ASP A 48 -5.69 -1.61 1.89
CA ASP A 48 -6.77 -2.37 1.24
C ASP A 48 -6.89 -1.88 -0.20
N GLY A 49 -7.35 -2.78 -1.08
CA GLY A 49 -7.65 -2.44 -2.45
C GLY A 49 -9.15 -2.35 -2.71
N VAL A 50 -9.48 -2.00 -3.94
CA VAL A 50 -10.87 -1.86 -4.35
C VAL A 50 -11.48 -3.23 -4.71
N GLY A 51 -10.73 -4.08 -5.39
CA GLY A 51 -11.23 -5.37 -5.81
C GLY A 51 -11.68 -5.36 -7.27
N THR A 52 -12.37 -6.45 -7.65
CA THR A 52 -12.69 -6.62 -9.05
C THR A 52 -13.84 -5.74 -9.51
N LYS A 53 -14.38 -4.92 -8.63
CA LYS A 53 -15.26 -3.83 -9.03
C LYS A 53 -14.67 -3.00 -10.16
N VAL A 54 -13.33 -2.90 -10.24
CA VAL A 54 -12.69 -2.13 -11.31
C VAL A 54 -12.96 -2.73 -12.69
N LEU A 55 -13.25 -4.03 -12.76
CA LEU A 55 -13.62 -4.64 -14.03
C LEU A 55 -14.96 -4.12 -14.55
N VAL A 56 -15.87 -3.79 -13.64
CA VAL A 56 -17.13 -3.19 -14.08
C VAL A 56 -16.88 -1.75 -14.53
N ALA A 57 -16.09 -1.01 -13.76
CA ALA A 57 -15.77 0.37 -14.12
C ALA A 57 -15.15 0.45 -15.51
N GLU A 58 -14.26 -0.48 -15.83
CA GLU A 58 -13.62 -0.46 -17.14
C GLU A 58 -14.63 -0.75 -18.24
N ALA A 59 -15.53 -1.70 -18.01
CA ALA A 59 -16.54 -2.05 -19.01
C ALA A 59 -17.35 -0.83 -19.47
N VAL A 60 -17.76 0.03 -18.54
CA VAL A 60 -18.58 1.18 -18.89
C VAL A 60 -17.76 2.46 -18.96
N GLY A 61 -16.44 2.36 -18.86
CA GLY A 61 -15.58 3.53 -18.94
C GLY A 61 -15.88 4.58 -17.90
N LYS A 62 -16.19 4.16 -16.68
CA LYS A 62 -16.53 5.08 -15.59
C LYS A 62 -15.66 4.71 -14.39
N PHE A 63 -14.49 5.34 -14.32
CA PHE A 63 -13.60 5.22 -13.17
C PHE A 63 -13.75 6.37 -12.20
N ASP A 64 -14.78 7.20 -12.39
CA ASP A 64 -14.99 8.42 -11.63
C ASP A 64 -15.22 8.18 -10.15
N THR A 65 -15.43 6.93 -9.71
CA THR A 65 -15.76 6.66 -8.31
C THR A 65 -14.94 5.53 -7.70
N ILE A 66 -14.12 4.85 -8.50
CA ILE A 66 -13.23 3.82 -7.94
C ILE A 66 -12.32 4.43 -6.88
N GLY A 67 -11.88 5.67 -7.10
CA GLY A 67 -11.07 6.33 -6.11
C GLY A 67 -11.81 6.57 -4.81
N ILE A 68 -13.13 6.74 -4.89
CA ILE A 68 -13.92 6.84 -3.67
C ILE A 68 -13.90 5.51 -2.94
N ASP A 69 -14.12 4.40 -3.66
CA ASP A 69 -14.05 3.08 -3.03
C ASP A 69 -12.73 2.91 -2.30
N MET A 70 -11.62 3.21 -2.98
CA MET A 70 -10.30 2.98 -2.39
C MET A 70 -10.13 3.78 -1.10
N ILE A 71 -10.47 5.06 -1.13
CA ILE A 71 -10.35 5.87 0.07
C ILE A 71 -11.30 5.36 1.15
N ALA A 72 -12.54 5.03 0.77
CA ALA A 72 -13.51 4.52 1.73
C ALA A 72 -13.00 3.28 2.45
N MET A 73 -12.52 2.29 1.68
CA MET A 73 -12.01 1.06 2.29
C MET A 73 -11.02 1.38 3.40
N ASN A 74 -10.15 2.35 3.16
CA ASN A 74 -9.04 2.55 4.07
C ASN A 74 -9.42 3.45 5.25
N VAL A 75 -10.08 4.59 5.01
CA VAL A 75 -10.42 5.45 6.15
C VAL A 75 -11.46 4.79 7.05
N ASN A 76 -12.39 4.00 6.49
CA ASN A 76 -13.36 3.35 7.36
C ASN A 76 -12.69 2.34 8.30
N ASP A 77 -11.57 1.74 7.87
CA ASP A 77 -10.85 0.83 8.75
C ASP A 77 -10.14 1.59 9.87
N LEU A 78 -9.60 2.77 9.57
CA LEU A 78 -8.97 3.58 10.60
C LEU A 78 -9.95 3.92 11.70
N LEU A 79 -11.20 4.20 11.32
CA LEU A 79 -12.23 4.52 12.31
C LEU A 79 -12.42 3.39 13.31
N CYS A 80 -12.22 2.14 12.89
CA CYS A 80 -12.58 1.01 13.74
C CYS A 80 -11.58 0.76 14.87
N VAL A 81 -10.55 1.60 15.02
CA VAL A 81 -9.75 1.64 16.24
C VAL A 81 -9.87 2.99 16.92
N GLY A 82 -10.79 3.84 16.45
CA GLY A 82 -11.01 5.15 17.03
C GLY A 82 -10.09 6.23 16.50
N ALA A 83 -9.49 6.03 15.34
CA ALA A 83 -8.50 6.96 14.85
C ALA A 83 -9.13 7.99 13.91
N GLU A 84 -8.55 9.17 13.90
CA GLU A 84 -8.93 10.17 12.92
C GLU A 84 -8.04 10.02 11.68
N PRO A 85 -8.62 9.75 10.51
CA PRO A 85 -7.80 9.60 9.30
C PRO A 85 -7.05 10.88 8.97
N LEU A 86 -5.82 10.73 8.47
CA LEU A 86 -4.98 11.88 8.13
C LEU A 86 -4.54 11.89 6.68
N ALA A 87 -3.97 10.79 6.18
CA ALA A 87 -3.27 10.79 4.90
C ALA A 87 -3.31 9.41 4.28
N LEU A 88 -3.05 9.36 2.98
CA LEU A 88 -3.19 8.13 2.23
C LEU A 88 -2.21 8.18 1.06
N VAL A 89 -1.69 7.01 0.68
CA VAL A 89 -0.94 6.84 -0.57
C VAL A 89 -1.64 5.76 -1.38
N ASP A 90 -1.62 5.90 -2.70
CA ASP A 90 -2.34 4.96 -3.54
C ASP A 90 -1.38 4.13 -4.38
N TYR A 91 -1.70 2.85 -4.51
CA TYR A 91 -0.97 1.91 -5.35
C TYR A 91 -1.86 1.57 -6.53
N PHE A 92 -1.45 2.01 -7.71
CA PHE A 92 -2.25 1.94 -8.93
C PHE A 92 -1.48 1.07 -9.91
N ALA A 93 -1.82 -0.21 -9.96
CA ALA A 93 -1.19 -1.18 -10.85
C ALA A 93 -2.10 -1.36 -12.06
N VAL A 94 -1.60 -1.01 -13.25
CA VAL A 94 -2.43 -0.86 -14.44
C VAL A 94 -1.86 -1.63 -15.62
N LYS A 95 -2.76 -2.00 -16.52
CA LYS A 95 -2.33 -2.63 -17.76
C LYS A 95 -1.85 -1.61 -18.78
N GLU A 96 -2.21 -0.34 -18.61
CA GLU A 96 -1.95 0.66 -19.65
C GLU A 96 -1.99 2.05 -19.03
N PRO A 97 -1.10 2.95 -19.42
CA PRO A 97 -1.17 4.33 -18.91
C PRO A 97 -2.19 5.17 -19.68
N ASN A 98 -3.45 4.75 -19.61
CA ASN A 98 -4.51 5.42 -20.34
C ASN A 98 -4.85 6.75 -19.66
N GLU A 99 -4.70 7.84 -20.40
CA GLU A 99 -4.91 9.16 -19.80
C GLU A 99 -6.36 9.39 -19.43
N GLU A 100 -7.29 8.78 -20.18
CA GLU A 100 -8.69 8.96 -19.85
C GLU A 100 -9.03 8.27 -18.55
N VAL A 101 -8.58 7.02 -18.37
CA VAL A 101 -8.80 6.31 -17.11
C VAL A 101 -8.23 7.11 -15.94
N PHE A 102 -6.98 7.56 -16.07
CA PHE A 102 -6.32 8.25 -14.97
C PHE A 102 -7.07 9.54 -14.61
N LYS A 103 -7.58 10.24 -15.63
CA LYS A 103 -8.39 11.43 -15.37
C LYS A 103 -9.65 11.09 -14.59
N GLN A 104 -10.31 9.98 -14.93
CA GLN A 104 -11.50 9.58 -14.18
C GLN A 104 -11.14 9.21 -12.75
N VAL A 105 -10.09 8.39 -12.58
CA VAL A 105 -9.67 7.96 -11.25
C VAL A 105 -9.41 9.16 -10.36
N ALA A 106 -8.70 10.17 -10.90
CA ALA A 106 -8.33 11.33 -10.11
C ALA A 106 -9.56 12.04 -9.55
N LYS A 107 -10.66 12.08 -10.31
CA LYS A 107 -11.84 12.81 -9.88
C LYS A 107 -12.42 12.21 -8.59
N GLY A 108 -12.57 10.88 -8.56
CA GLY A 108 -13.08 10.25 -7.36
C GLY A 108 -12.11 10.30 -6.20
N LEU A 109 -10.80 10.21 -6.49
CA LEU A 109 -9.81 10.36 -5.43
C LEU A 109 -9.98 11.69 -4.71
N TYR A 110 -10.24 12.77 -5.45
CA TYR A 110 -10.49 14.06 -4.82
C TYR A 110 -11.77 14.03 -4.00
N LYS A 111 -12.86 13.52 -4.60
CA LYS A 111 -14.14 13.51 -3.89
C LYS A 111 -14.07 12.70 -2.61
N GLY A 112 -13.52 11.49 -2.70
CA GLY A 112 -13.34 10.69 -1.49
C GLY A 112 -12.46 11.38 -0.47
N ALA A 113 -11.32 11.93 -0.91
CA ALA A 113 -10.40 12.56 0.03
C ALA A 113 -11.06 13.74 0.72
N GLU A 114 -11.83 14.52 -0.03
CA GLU A 114 -12.58 15.63 0.56
C GLU A 114 -13.59 15.14 1.59
N GLU A 115 -14.34 14.09 1.26
CA GLU A 115 -15.33 13.57 2.19
C GLU A 115 -14.67 13.04 3.46
N ALA A 116 -13.51 12.39 3.31
CA ALA A 116 -12.80 11.82 4.45
C ALA A 116 -11.99 12.84 5.24
N GLY A 117 -11.70 13.99 4.64
CA GLY A 117 -10.78 14.94 5.25
C GLY A 117 -9.34 14.49 5.27
N VAL A 118 -8.87 13.81 4.23
CA VAL A 118 -7.50 13.33 4.18
C VAL A 118 -6.79 13.89 2.95
N ALA A 119 -5.47 13.96 3.03
CA ALA A 119 -4.62 14.30 1.90
C ALA A 119 -4.07 13.03 1.27
N ILE A 120 -4.08 13.00 -0.06
CA ILE A 120 -3.39 11.98 -0.84
C ILE A 120 -1.98 12.51 -1.07
N VAL A 121 -0.99 11.89 -0.44
CA VAL A 121 0.34 12.49 -0.31
C VAL A 121 1.38 11.79 -1.16
N GLY A 122 1.02 10.72 -1.83
CA GLY A 122 1.98 10.02 -2.67
C GLY A 122 1.33 8.78 -3.24
N GLY A 123 2.15 7.96 -3.87
CA GLY A 123 1.64 6.74 -4.44
C GLY A 123 2.66 6.10 -5.36
N GLU A 124 2.19 5.06 -6.05
CA GLU A 124 3.00 4.30 -6.99
C GLU A 124 2.12 3.94 -8.18
N THR A 125 2.71 4.02 -9.38
CA THR A 125 2.03 3.67 -10.62
C THR A 125 2.88 2.62 -11.33
N ALA A 126 2.33 1.44 -11.49
CA ALA A 126 3.03 0.29 -12.06
C ALA A 126 2.27 -0.13 -13.31
N VAL A 127 2.85 0.10 -14.49
CA VAL A 127 2.28 -0.40 -15.73
C VAL A 127 2.83 -1.80 -15.94
N MET A 128 1.96 -2.81 -15.82
CA MET A 128 2.38 -4.20 -15.79
C MET A 128 1.37 -5.06 -16.56
N PRO A 129 1.22 -4.83 -17.86
CA PRO A 129 0.17 -5.54 -18.61
C PRO A 129 0.27 -7.06 -18.56
N ASP A 130 1.47 -7.61 -18.40
CA ASP A 130 1.59 -9.06 -18.25
C ASP A 130 0.93 -9.55 -16.96
N LEU A 131 0.96 -8.74 -15.91
CA LEU A 131 0.49 -9.16 -14.60
C LEU A 131 -0.94 -8.71 -14.27
N ILE A 132 -1.41 -7.61 -14.85
CA ILE A 132 -2.66 -6.98 -14.44
C ILE A 132 -3.63 -6.94 -15.62
N ASN A 133 -4.80 -7.57 -15.46
CA ASN A 133 -5.84 -7.54 -16.49
C ASN A 133 -6.80 -6.38 -16.31
N GLY A 134 -6.30 -5.21 -15.96
CA GLY A 134 -7.15 -4.06 -15.78
C GLY A 134 -6.45 -2.96 -15.03
N TYR A 135 -7.14 -2.33 -14.08
CA TYR A 135 -6.64 -1.18 -13.33
C TYR A 135 -6.90 -1.42 -11.85
N ASP A 136 -5.97 -2.11 -11.19
CA ASP A 136 -6.09 -2.37 -9.76
C ASP A 136 -5.70 -1.15 -8.95
N LEU A 137 -6.60 -0.71 -8.06
CA LEU A 137 -6.36 0.45 -7.22
C LEU A 137 -6.39 0.00 -5.77
N ALA A 138 -5.28 0.18 -5.08
CA ALA A 138 -5.18 -0.07 -3.65
C ALA A 138 -4.62 1.16 -2.98
N GLY A 139 -4.61 1.15 -1.66
CA GLY A 139 -4.09 2.29 -0.93
C GLY A 139 -3.71 1.89 0.48
N THR A 140 -2.99 2.80 1.13
CA THR A 140 -2.62 2.68 2.52
C THR A 140 -2.91 4.01 3.22
N ALA A 141 -3.64 3.97 4.32
CA ALA A 141 -4.01 5.16 5.04
C ALA A 141 -3.42 5.13 6.45
N ILE A 142 -3.12 6.31 6.98
CA ILE A 142 -2.68 6.44 8.36
C ILE A 142 -3.61 7.39 9.09
N GLY A 143 -3.79 7.15 10.38
CA GLY A 143 -4.55 8.02 11.23
C GLY A 143 -3.90 8.14 12.60
N ILE A 144 -4.52 8.93 13.47
CA ILE A 144 -3.97 9.22 14.79
C ILE A 144 -5.07 9.04 15.82
N VAL A 145 -4.72 8.44 16.96
CA VAL A 145 -5.64 8.32 18.08
C VAL A 145 -4.84 8.51 19.35
N GLU A 146 -5.35 9.33 20.27
CA GLU A 146 -4.64 9.58 21.51
C GLU A 146 -4.61 8.31 22.36
N LYS A 147 -3.55 8.19 23.15
CA LYS A 147 -3.50 7.14 24.16
C LYS A 147 -4.68 7.32 25.11
N GLY A 148 -5.32 6.23 25.47
CA GLY A 148 -6.52 6.28 26.28
C GLY A 148 -7.82 6.46 25.53
N LYS A 149 -7.78 6.64 24.20
CA LYS A 149 -8.98 6.87 23.41
C LYS A 149 -9.14 5.82 22.31
N VAL A 150 -8.40 4.74 22.39
CA VAL A 150 -8.50 3.63 21.43
C VAL A 150 -9.81 2.90 21.67
N ILE A 151 -10.48 2.52 20.58
CA ILE A 151 -11.71 1.73 20.65
C ILE A 151 -11.48 0.47 19.84
N THR A 152 -11.32 -0.67 20.53
CA THR A 152 -11.09 -1.94 19.86
C THR A 152 -12.19 -2.96 20.10
N GLY A 153 -13.13 -2.69 21.00
CA GLY A 153 -14.18 -3.65 21.34
C GLY A 153 -14.01 -4.31 22.69
N GLU A 154 -12.92 -4.04 23.40
CA GLU A 154 -12.69 -4.62 24.71
C GLU A 154 -13.70 -4.13 25.74
N ARG A 155 -14.30 -2.96 25.54
CA ARG A 155 -15.32 -2.43 26.43
C ARG A 155 -16.69 -3.05 26.20
N ILE A 156 -16.88 -3.82 25.13
CA ILE A 156 -18.21 -4.37 24.85
C ILE A 156 -18.64 -5.28 26.00
N ARG A 157 -19.86 -5.07 26.47
CA ARG A 157 -20.48 -5.84 27.54
C ARG A 157 -21.84 -6.36 27.07
N PRO A 158 -22.29 -7.50 27.60
CA PRO A 158 -23.64 -7.97 27.29
C PRO A 158 -24.67 -6.90 27.64
N GLY A 159 -25.70 -6.81 26.80
CA GLY A 159 -26.69 -5.76 26.95
C GLY A 159 -26.37 -4.48 26.22
N ASP A 160 -25.19 -4.35 25.63
CA ASP A 160 -24.88 -3.16 24.85
C ASP A 160 -25.77 -3.08 23.61
N SER A 161 -26.03 -1.86 23.17
CA SER A 161 -26.86 -1.65 21.99
C SER A 161 -26.01 -1.75 20.74
N VAL A 162 -26.55 -2.39 19.71
CA VAL A 162 -25.88 -2.58 18.43
C VAL A 162 -26.63 -1.75 17.39
N ILE A 163 -25.94 -0.78 16.80
CA ILE A 163 -26.54 0.11 15.82
C ILE A 163 -25.86 -0.11 14.48
N GLY A 164 -26.65 -0.20 13.42
CA GLY A 164 -26.15 -0.29 12.06
C GLY A 164 -26.37 1.01 11.31
N ILE A 165 -25.35 1.45 10.57
CA ILE A 165 -25.46 2.53 9.60
C ILE A 165 -25.61 1.92 8.22
N SER A 166 -26.62 2.33 7.48
CA SER A 166 -26.89 1.77 6.16
C SER A 166 -25.69 1.95 5.22
N SER A 167 -25.54 1.01 4.30
CA SER A 167 -24.55 1.10 3.23
C SER A 167 -25.14 1.83 2.01
N SER A 168 -24.26 2.25 1.12
CA SER A 168 -24.75 2.76 -0.15
C SER A 168 -25.14 1.66 -1.11
N GLY A 169 -24.79 0.41 -0.81
CA GLY A 169 -25.03 -0.68 -1.73
C GLY A 169 -24.04 -1.79 -1.51
N ILE A 170 -23.62 -2.45 -2.59
CA ILE A 170 -22.72 -3.60 -2.48
C ILE A 170 -21.35 -3.20 -1.91
N HIS A 171 -20.98 -1.92 -1.96
CA HIS A 171 -19.67 -1.47 -1.47
C HIS A 171 -18.59 -2.25 -2.23
N SER A 172 -17.68 -2.94 -1.56
CA SER A 172 -16.48 -3.44 -2.22
C SER A 172 -16.18 -4.89 -1.83
N ASN A 173 -17.17 -5.63 -1.36
CA ASN A 173 -16.92 -7.02 -1.02
C ASN A 173 -18.01 -7.88 -1.63
N GLY A 174 -17.60 -9.06 -2.11
CA GLY A 174 -18.50 -9.94 -2.82
C GLY A 174 -18.66 -9.61 -4.29
N LEU A 175 -17.82 -8.75 -4.84
CA LEU A 175 -17.97 -8.31 -6.23
C LEU A 175 -17.73 -9.45 -7.22
N THR A 176 -16.75 -10.31 -6.94
CA THR A 176 -16.47 -11.41 -7.85
C THR A 176 -17.65 -12.37 -7.90
N LEU A 177 -18.21 -12.73 -6.75
CA LEU A 177 -19.38 -13.60 -6.75
C LEU A 177 -20.54 -12.95 -7.49
N ALA A 178 -20.80 -11.66 -7.22
CA ALA A 178 -21.93 -11.01 -7.88
C ALA A 178 -21.70 -10.89 -9.39
N ARG A 179 -20.46 -10.61 -9.80
CA ARG A 179 -20.14 -10.46 -11.21
C ARG A 179 -20.37 -11.77 -11.97
N LYS A 180 -19.84 -12.88 -11.44
CA LYS A 180 -19.95 -14.13 -12.17
C LYS A 180 -21.37 -14.70 -12.14
N LEU A 181 -22.13 -14.38 -11.10
CA LEU A 181 -23.49 -14.88 -10.99
C LEU A 181 -24.45 -14.10 -11.91
N LEU A 182 -24.31 -12.78 -11.96
CA LEU A 182 -25.31 -11.93 -12.57
C LEU A 182 -24.96 -11.44 -13.96
N ILE A 183 -23.71 -11.07 -14.23
CA ILE A 183 -23.38 -10.45 -15.51
C ILE A 183 -23.63 -11.41 -16.69
N PRO A 184 -23.12 -12.65 -16.67
CA PRO A 184 -23.42 -13.56 -17.79
C PRO A 184 -24.88 -13.95 -17.89
N LYS A 185 -25.65 -13.79 -16.83
CA LYS A 185 -27.05 -14.22 -16.92
C LYS A 185 -27.95 -13.10 -17.40
N TYR A 186 -27.78 -11.89 -16.86
CA TYR A 186 -28.65 -10.76 -17.13
C TYR A 186 -28.09 -9.76 -18.11
N GLY A 187 -26.76 -9.67 -18.25
CA GLY A 187 -26.17 -8.61 -19.05
C GLY A 187 -25.97 -7.32 -18.26
N LEU A 188 -24.85 -6.63 -18.53
CA LEU A 188 -24.47 -5.46 -17.77
C LEU A 188 -25.50 -4.35 -17.83
N ASP A 189 -26.35 -4.33 -18.87
CA ASP A 189 -27.38 -3.30 -19.05
C ASP A 189 -28.73 -3.72 -18.50
N TYR A 190 -28.83 -4.88 -17.87
CA TYR A 190 -30.08 -5.31 -17.28
C TYR A 190 -30.60 -4.25 -16.31
N GLU A 191 -31.83 -3.82 -16.50
CA GLU A 191 -32.44 -2.79 -15.68
C GLU A 191 -33.19 -3.45 -14.52
N TYR A 192 -32.78 -3.16 -13.30
CA TYR A 192 -33.41 -3.71 -12.11
C TYR A 192 -33.73 -2.57 -11.16
N GLU A 193 -35.03 -2.34 -10.92
CA GLU A 193 -35.51 -1.26 -10.06
C GLU A 193 -34.95 0.08 -10.50
N GLY A 194 -34.99 0.32 -11.80
CA GLY A 194 -34.61 1.60 -12.36
C GLY A 194 -33.14 1.84 -12.53
N ARG A 195 -32.28 0.87 -12.22
CA ARG A 195 -30.84 1.02 -12.35
C ARG A 195 -30.25 -0.17 -13.10
N LYS A 196 -29.26 0.10 -13.95
CA LYS A 196 -28.61 -0.98 -14.67
C LYS A 196 -27.72 -1.79 -13.72
N LEU A 197 -27.51 -3.06 -14.09
CA LEU A 197 -26.71 -3.94 -13.25
C LEU A 197 -25.35 -3.32 -12.94
N TRP A 198 -24.72 -2.70 -13.94
CA TRP A 198 -23.43 -2.08 -13.67
C TRP A 198 -23.58 -0.90 -12.71
N GLU A 199 -24.72 -0.21 -12.72
CA GLU A 199 -24.93 0.85 -11.73
C GLU A 199 -25.02 0.29 -10.32
N TRP A 200 -25.62 -0.90 -10.16
CA TRP A 200 -25.64 -1.54 -8.84
C TRP A 200 -24.25 -1.97 -8.42
N LEU A 201 -23.48 -2.53 -9.35
CA LEU A 201 -22.17 -3.06 -9.02
C LEU A 201 -21.12 -1.99 -8.81
N LEU A 202 -21.31 -0.80 -9.38
CA LEU A 202 -20.32 0.27 -9.34
C LEU A 202 -20.59 1.30 -8.25
N GLU A 203 -21.76 1.28 -7.61
CA GLU A 203 -22.10 2.26 -6.60
C GLU A 203 -20.96 2.39 -5.60
N PRO A 204 -20.38 3.58 -5.44
CA PRO A 204 -19.19 3.70 -4.60
C PRO A 204 -19.49 3.45 -3.14
N THR A 205 -18.48 2.92 -2.44
CA THR A 205 -18.57 2.66 -1.02
C THR A 205 -18.81 3.95 -0.25
N ARG A 206 -19.63 3.86 0.79
CA ARG A 206 -19.91 4.99 1.67
C ARG A 206 -18.74 5.29 2.60
N ILE A 207 -18.49 6.57 2.86
CA ILE A 207 -17.45 7.02 3.76
C ILE A 207 -18.08 7.46 5.08
N TYR A 208 -17.67 6.81 6.19
CA TYR A 208 -18.32 7.02 7.49
C TYR A 208 -17.53 7.94 8.41
N VAL A 209 -16.50 8.63 7.90
CA VAL A 209 -15.59 9.38 8.77
C VAL A 209 -16.36 10.40 9.61
N ARG A 210 -17.21 11.21 8.98
CA ARG A 210 -17.81 12.32 9.72
C ARG A 210 -18.81 11.86 10.76
N PRO A 211 -19.78 10.97 10.46
CA PRO A 211 -20.66 10.50 11.55
C PRO A 211 -19.92 9.77 12.67
N ILE A 212 -18.84 9.04 12.36
CA ILE A 212 -18.20 8.27 13.42
C ILE A 212 -17.34 9.16 14.30
N LEU A 213 -16.62 10.12 13.72
CA LEU A 213 -15.84 11.05 14.54
C LEU A 213 -16.75 11.91 15.41
N GLU A 214 -17.90 12.32 14.86
CA GLU A 214 -18.91 12.99 15.67
C GLU A 214 -19.38 12.09 16.82
N LEU A 215 -19.60 10.81 16.51
CA LEU A 215 -20.14 9.90 17.50
C LEU A 215 -19.17 9.68 18.65
N ILE A 216 -17.88 9.46 18.34
CA ILE A 216 -16.95 9.12 19.40
C ILE A 216 -16.60 10.34 20.23
N ASN A 217 -16.85 11.54 19.73
CA ASN A 217 -16.61 12.74 20.50
C ASN A 217 -17.83 13.19 21.28
N SER A 218 -18.91 12.41 21.24
CA SER A 218 -20.20 12.79 21.83
C SER A 218 -20.75 11.78 22.82
N VAL A 219 -20.55 10.48 22.59
CA VAL A 219 -21.11 9.45 23.46
C VAL A 219 -20.04 8.43 23.78
N GLU A 220 -20.39 7.52 24.69
CA GLU A 220 -19.54 6.40 25.04
C GLU A 220 -19.71 5.29 24.00
N VAL A 221 -18.59 4.89 23.39
CA VAL A 221 -18.58 3.92 22.30
C VAL A 221 -17.75 2.74 22.75
N HIS A 222 -18.26 1.53 22.53
CA HIS A 222 -17.57 0.32 22.94
C HIS A 222 -17.04 -0.51 21.77
N GLY A 223 -17.41 -0.18 20.54
CA GLY A 223 -16.99 -0.97 19.40
C GLY A 223 -17.40 -0.34 18.09
N LEU A 224 -16.60 -0.57 17.06
CA LEU A 224 -16.78 0.01 15.74
C LEU A 224 -16.33 -1.02 14.72
N ALA A 225 -17.18 -1.33 13.75
CA ALA A 225 -16.92 -2.41 12.82
C ALA A 225 -17.39 -2.04 11.43
N ALA A 226 -16.46 -1.90 10.49
CA ALA A 226 -16.84 -1.79 9.10
C ALA A 226 -17.23 -3.18 8.59
N ILE A 227 -18.33 -3.26 7.87
CA ILE A 227 -18.84 -4.55 7.41
C ILE A 227 -18.24 -4.79 6.02
N THR A 228 -17.15 -5.56 6.00
CA THR A 228 -16.42 -5.79 4.76
C THR A 228 -16.34 -7.28 4.51
N GLY A 229 -15.18 -7.79 4.11
CA GLY A 229 -15.01 -9.22 3.91
C GLY A 229 -15.52 -10.03 5.08
N GLY A 230 -16.37 -11.03 4.83
CA GLY A 230 -16.98 -11.78 5.89
C GLY A 230 -18.29 -11.23 6.42
N GLY A 231 -18.73 -10.07 5.91
CA GLY A 231 -20.00 -9.50 6.34
C GLY A 231 -20.11 -9.43 7.86
N LEU A 232 -21.22 -9.95 8.39
CA LEU A 232 -21.50 -9.79 9.81
C LEU A 232 -20.48 -10.48 10.70
N LEU A 233 -19.73 -11.44 10.16
CA LEU A 233 -18.70 -12.12 10.94
C LEU A 233 -17.64 -11.16 11.46
N ASN A 234 -17.55 -9.96 10.87
CA ASN A 234 -16.60 -8.96 11.37
C ASN A 234 -16.88 -8.58 12.81
N LEU A 235 -18.12 -8.74 13.29
CA LEU A 235 -18.44 -8.41 14.67
C LEU A 235 -17.65 -9.26 15.65
N LYS A 236 -17.29 -10.50 15.28
CA LYS A 236 -16.56 -11.38 16.21
C LYS A 236 -15.11 -10.95 16.39
N ARG A 237 -14.58 -10.11 15.52
CA ARG A 237 -13.26 -9.53 15.77
C ARG A 237 -13.28 -8.55 16.94
N LEU A 238 -14.46 -8.04 17.32
CA LEU A 238 -14.53 -7.04 18.37
C LEU A 238 -14.58 -7.64 19.76
N THR A 239 -15.07 -8.87 19.89
CA THR A 239 -15.42 -9.41 21.20
C THR A 239 -15.79 -10.88 21.06
N ASN A 240 -15.66 -11.61 22.15
CA ASN A 240 -16.12 -12.99 22.20
C ASN A 240 -17.60 -13.10 22.54
N TYR A 241 -18.22 -12.02 22.99
CA TYR A 241 -19.64 -12.04 23.32
C TYR A 241 -20.46 -12.29 22.05
N GLY A 242 -21.75 -12.59 22.26
CA GLY A 242 -22.63 -12.85 21.15
C GLY A 242 -23.46 -11.65 20.78
N PHE A 243 -24.24 -11.82 19.71
CA PHE A 243 -25.07 -10.73 19.18
C PHE A 243 -26.43 -11.29 18.81
N GLU A 244 -27.47 -10.53 19.13
CA GLU A 244 -28.84 -10.85 18.76
C GLU A 244 -29.33 -9.69 17.91
N LEU A 245 -29.50 -9.91 16.62
CA LEU A 245 -29.74 -8.84 15.67
C LEU A 245 -31.02 -9.09 14.88
N GLU A 246 -31.54 -8.00 14.34
CA GLU A 246 -32.58 -8.04 13.32
C GLU A 246 -32.05 -7.21 12.14
N MET A 247 -31.86 -7.85 11.03
CA MET A 247 -31.27 -7.18 9.89
C MET A 247 -32.36 -6.57 9.01
N PRO A 248 -32.03 -5.56 8.21
CA PRO A 248 -33.03 -4.95 7.33
C PRO A 248 -33.48 -5.91 6.24
N PRO A 249 -34.60 -5.62 5.58
CA PRO A 249 -35.05 -6.47 4.47
C PRO A 249 -34.00 -6.54 3.38
N ILE A 250 -33.92 -7.70 2.72
CA ILE A 250 -33.08 -7.85 1.53
C ILE A 250 -33.77 -7.19 0.35
N GLU A 251 -33.16 -6.15 -0.20
CA GLU A 251 -33.64 -5.62 -1.47
C GLU A 251 -32.44 -5.17 -2.29
N GLY A 252 -32.75 -4.58 -3.45
CA GLY A 252 -31.71 -4.08 -4.33
C GLY A 252 -30.90 -5.22 -4.91
N ILE A 253 -29.60 -4.98 -5.05
CA ILE A 253 -28.70 -5.97 -5.62
C ILE A 253 -28.69 -7.22 -4.75
N PHE A 254 -28.82 -7.07 -3.43
CA PHE A 254 -28.75 -8.25 -2.57
C PHE A 254 -29.93 -9.18 -2.81
N LYS A 255 -31.12 -8.60 -3.01
CA LYS A 255 -32.27 -9.43 -3.37
C LYS A 255 -32.01 -10.17 -4.69
N LEU A 256 -31.54 -9.44 -5.70
CA LEU A 256 -31.21 -10.07 -6.97
C LEU A 256 -30.24 -11.23 -6.78
N ILE A 257 -29.18 -11.01 -6.00
CA ILE A 257 -28.21 -12.08 -5.77
C ILE A 257 -28.88 -13.25 -5.07
N HIS A 258 -29.63 -12.98 -4.01
CA HIS A 258 -30.29 -14.03 -3.25
C HIS A 258 -31.19 -14.89 -4.14
N GLU A 259 -32.00 -14.25 -4.99
CA GLU A 259 -32.92 -14.94 -5.88
C GLU A 259 -32.22 -15.77 -6.93
N ASN A 260 -30.89 -15.65 -7.04
CA ASN A 260 -30.12 -16.42 -8.00
C ASN A 260 -29.36 -17.57 -7.35
N GLY A 261 -29.77 -17.99 -6.16
CA GLY A 261 -29.32 -19.23 -5.56
C GLY A 261 -28.56 -19.10 -4.26
N VAL A 262 -27.98 -17.94 -3.98
CA VAL A 262 -27.09 -17.79 -2.84
C VAL A 262 -27.85 -17.87 -1.52
N PRO A 263 -27.52 -18.83 -0.65
CA PRO A 263 -28.26 -18.93 0.63
C PRO A 263 -27.97 -17.76 1.55
N LEU A 264 -28.97 -17.43 2.36
CA LEU A 264 -28.94 -16.23 3.18
C LEU A 264 -27.80 -16.28 4.20
N ASP A 265 -27.49 -17.46 4.75
CA ASP A 265 -26.40 -17.52 5.71
C ASP A 265 -25.07 -17.20 5.04
N GLU A 266 -24.83 -17.75 3.85
CA GLU A 266 -23.64 -17.37 3.10
C GLU A 266 -23.64 -15.88 2.78
N MET A 267 -24.82 -15.31 2.54
CA MET A 267 -24.88 -13.94 2.10
C MET A 267 -24.57 -12.95 3.23
N PHE A 268 -25.04 -13.27 4.44
CA PHE A 268 -24.62 -12.50 5.60
C PHE A 268 -23.15 -12.67 5.92
N ARG A 269 -22.49 -13.68 5.33
CA ARG A 269 -21.05 -13.88 5.46
C ARG A 269 -20.25 -13.26 4.32
N VAL A 270 -20.90 -12.65 3.33
CA VAL A 270 -20.19 -12.17 2.15
C VAL A 270 -20.50 -10.71 1.87
N PHE A 271 -21.76 -10.33 1.95
CA PHE A 271 -22.21 -9.00 1.60
C PHE A 271 -22.62 -8.22 2.84
N ASN A 272 -22.59 -6.88 2.74
CA ASN A 272 -23.01 -6.11 3.89
C ASN A 272 -24.53 -6.12 4.07
N MET A 273 -25.28 -6.50 3.03
CA MET A 273 -26.72 -6.74 3.15
C MET A 273 -27.48 -5.49 3.57
N GLY A 274 -26.91 -4.32 3.34
CA GLY A 274 -27.55 -3.06 3.63
C GLY A 274 -26.97 -2.28 4.78
N VAL A 275 -26.10 -2.92 5.56
CA VAL A 275 -25.49 -2.32 6.74
C VAL A 275 -23.99 -2.24 6.47
N GLY A 276 -23.47 -1.03 6.31
CA GLY A 276 -22.08 -0.86 5.92
C GLY A 276 -21.12 -0.69 7.07
N PHE A 277 -21.65 -0.38 8.25
CA PHE A 277 -20.86 -0.05 9.43
C PHE A 277 -21.72 -0.28 10.66
N ILE A 278 -21.12 -0.84 11.70
CA ILE A 278 -21.86 -1.14 12.93
C ILE A 278 -21.13 -0.53 14.10
N VAL A 279 -21.88 0.11 15.00
CA VAL A 279 -21.33 0.64 16.23
C VAL A 279 -22.00 -0.05 17.40
N VAL A 280 -21.25 -0.20 18.48
CA VAL A 280 -21.77 -0.81 19.71
C VAL A 280 -21.63 0.24 20.82
N VAL A 281 -22.75 0.60 21.44
CA VAL A 281 -22.74 1.60 22.51
C VAL A 281 -23.57 1.07 23.68
N PRO A 282 -23.30 1.54 24.90
CA PRO A 282 -24.18 1.19 26.01
C PRO A 282 -25.60 1.64 25.74
N GLN A 283 -26.57 0.88 26.27
CA GLN A 283 -27.98 1.18 26.06
C GLN A 283 -28.33 2.61 26.46
N GLU A 284 -27.62 3.16 27.45
CA GLU A 284 -27.82 4.53 27.90
C GLU A 284 -27.63 5.55 26.78
N GLU A 285 -26.77 5.26 25.81
CA GLU A 285 -26.43 6.23 24.77
C GLU A 285 -27.06 5.90 23.43
N LYS A 286 -27.96 4.92 23.39
CA LYS A 286 -28.51 4.42 22.13
C LYS A 286 -29.29 5.50 21.37
N GLU A 287 -30.21 6.19 22.05
CA GLU A 287 -31.00 7.23 21.40
C GLU A 287 -30.11 8.39 20.94
N GLU A 288 -29.18 8.81 21.79
CA GLU A 288 -28.24 9.86 21.42
C GLU A 288 -27.39 9.43 20.22
N ALA A 289 -26.99 8.16 20.18
CA ALA A 289 -26.16 7.70 19.07
C ALA A 289 -26.96 7.65 17.77
N LEU A 290 -28.20 7.14 17.85
CA LEU A 290 -29.04 7.08 16.67
C LEU A 290 -29.21 8.46 16.06
N GLU A 291 -29.36 9.50 16.90
CA GLU A 291 -29.61 10.84 16.38
C GLU A 291 -28.37 11.40 15.69
N ILE A 292 -27.19 11.19 16.29
CA ILE A 292 -25.97 11.69 15.67
C ILE A 292 -25.74 11.02 14.32
N LEU A 293 -25.83 9.69 14.28
CA LEU A 293 -25.62 8.98 13.02
C LEU A 293 -26.71 9.32 12.00
N SER A 294 -27.97 9.33 12.44
CA SER A 294 -29.08 9.55 11.51
C SER A 294 -29.07 10.93 10.90
N ARG A 295 -28.30 11.88 11.42
CA ARG A 295 -28.15 13.13 10.69
C ARG A 295 -27.48 12.90 9.34
N HIS A 296 -26.49 12.02 9.29
CA HIS A 296 -25.68 11.82 8.10
C HIS A 296 -26.14 10.67 7.23
N TYR A 297 -26.63 9.60 7.84
CA TYR A 297 -27.04 8.43 7.10
C TYR A 297 -28.15 7.74 7.85
N LYS A 298 -29.05 7.18 7.09
CA LYS A 298 -30.09 6.31 7.59
C LYS A 298 -29.50 5.19 8.45
N SER A 299 -30.02 5.05 9.68
CA SER A 299 -29.39 4.22 10.72
C SER A 299 -30.46 3.51 11.53
N TYR A 300 -30.13 2.30 12.00
CA TYR A 300 -31.06 1.42 12.69
C TYR A 300 -30.51 0.92 14.00
N GLU A 301 -31.43 0.62 14.90
CA GLU A 301 -31.12 -0.24 16.05
C GLU A 301 -31.22 -1.68 15.57
N LEU A 302 -30.10 -2.38 15.57
CA LEU A 302 -30.10 -3.75 15.10
C LEU A 302 -30.37 -4.75 16.21
N GLY A 303 -29.88 -4.49 17.41
CA GLY A 303 -30.04 -5.46 18.47
C GLY A 303 -29.12 -5.24 19.65
N ASN A 304 -28.70 -6.33 20.28
CA ASN A 304 -27.99 -6.26 21.55
C ASN A 304 -26.88 -7.30 21.58
N VAL A 305 -25.86 -7.00 22.36
CA VAL A 305 -24.84 -7.96 22.76
C VAL A 305 -25.46 -8.94 23.75
N THR A 306 -25.15 -10.22 23.59
CA THR A 306 -25.64 -11.29 24.46
C THR A 306 -24.47 -12.05 25.09
N ARG A 307 -24.80 -13.00 25.96
CA ARG A 307 -23.80 -13.90 26.53
C ARG A 307 -23.68 -15.22 25.77
N GLU A 308 -24.39 -15.37 24.64
CA GLU A 308 -24.22 -16.55 23.79
C GLU A 308 -22.91 -16.38 23.02
N LEU A 309 -21.81 -16.72 23.69
CA LEU A 309 -20.48 -16.35 23.22
C LEU A 309 -20.25 -16.84 21.79
N GLY A 310 -19.70 -15.96 20.96
CA GLY A 310 -19.25 -16.32 19.64
C GLY A 310 -20.34 -16.59 18.63
N LYS A 311 -21.59 -16.22 18.92
CA LYS A 311 -22.70 -16.47 18.02
C LYS A 311 -23.35 -15.17 17.59
N ILE A 312 -23.75 -15.09 16.33
CA ILE A 312 -24.46 -13.96 15.78
C ILE A 312 -25.81 -14.46 15.30
N LYS A 313 -26.86 -14.15 16.03
CA LYS A 313 -28.22 -14.60 15.69
C LYS A 313 -28.95 -13.47 14.98
N VAL A 314 -29.27 -13.70 13.72
CA VAL A 314 -30.16 -12.80 12.97
C VAL A 314 -31.56 -13.36 13.16
N LYS A 315 -32.24 -12.86 14.20
CA LYS A 315 -33.49 -13.45 14.66
C LYS A 315 -34.57 -13.39 13.59
N ASN A 316 -34.76 -12.23 12.96
CA ASN A 316 -35.83 -12.11 11.98
C ASN A 316 -35.60 -12.93 10.72
N TYR A 317 -34.43 -13.54 10.55
CA TYR A 317 -34.18 -14.44 9.44
C TYR A 317 -33.92 -15.87 9.86
N GLY A 318 -33.91 -16.15 11.17
CA GLY A 318 -33.66 -17.50 11.65
C GLY A 318 -32.31 -18.02 11.22
N ILE A 319 -31.27 -17.20 11.37
CA ILE A 319 -29.91 -17.55 10.98
C ILE A 319 -28.98 -17.29 12.17
N THR A 320 -28.05 -18.21 12.40
CA THR A 320 -26.97 -18.04 13.37
C THR A 320 -25.64 -18.20 12.65
N LEU A 321 -24.78 -17.20 12.75
N LEU A 321 -24.77 -17.21 12.77
CA LEU A 321 -23.45 -17.25 12.11
CA LEU A 321 -23.46 -17.28 12.13
C LEU A 321 -22.34 -17.50 13.13
C LEU A 321 -22.35 -17.48 13.16
N THR B 1 2.36 7.91 -20.13
CA THR B 1 2.61 7.51 -18.75
C THR B 1 2.83 8.72 -17.85
N ALA B 2 3.65 9.67 -18.33
CA ALA B 2 3.82 10.91 -17.59
C ALA B 2 2.56 11.76 -17.66
N ARG B 3 1.97 11.88 -18.85
CA ARG B 3 0.74 12.67 -19.00
C ARG B 3 -0.41 12.06 -18.22
N ALA B 4 -0.53 10.72 -18.25
CA ALA B 4 -1.57 10.07 -17.47
C ALA B 4 -1.40 10.33 -16.00
N LEU B 5 -0.17 10.19 -15.49
CA LEU B 5 0.08 10.40 -14.07
C LEU B 5 -0.15 11.85 -13.66
N ARG B 6 0.02 12.81 -14.57
CA ARG B 6 -0.18 14.22 -14.20
C ARG B 6 -1.58 14.47 -13.65
N GLU B 7 -2.57 13.68 -14.09
CA GLU B 7 -3.93 13.87 -13.61
C GLU B 7 -4.04 13.57 -12.11
N ILE B 8 -3.43 12.48 -11.66
CA ILE B 8 -3.52 12.12 -10.25
C ILE B 8 -2.65 13.04 -9.40
N ILE B 9 -1.45 13.37 -9.88
CA ILE B 9 -0.54 14.22 -9.12
C ILE B 9 -1.18 15.57 -8.83
N ARG B 10 -1.72 16.21 -9.86
CA ARG B 10 -2.36 17.50 -9.66
C ARG B 10 -3.55 17.39 -8.71
N THR B 11 -4.30 16.31 -8.80
CA THR B 11 -5.43 16.13 -7.90
C THR B 11 -4.96 15.90 -6.47
N ALA B 12 -3.94 15.05 -6.28
CA ALA B 12 -3.42 14.82 -4.94
C ALA B 12 -2.89 16.09 -4.33
N ARG B 13 -2.23 16.95 -5.12
CA ARG B 13 -1.79 18.23 -4.63
C ARG B 13 -2.96 19.09 -4.16
N GLU B 14 -4.12 18.97 -4.82
CA GLU B 14 -5.29 19.73 -4.39
C GLU B 14 -5.81 19.27 -3.04
N THR B 15 -5.55 18.01 -2.66
CA THR B 15 -6.02 17.53 -1.37
C THR B 15 -5.12 17.92 -0.20
N PHE B 16 -3.96 18.53 -0.49
CA PHE B 16 -3.06 18.95 0.59
C PHE B 16 -3.76 19.89 1.57
N LYS B 17 -4.58 20.81 1.04
CA LYS B 17 -5.25 21.80 1.88
C LYS B 17 -6.18 21.16 2.90
N LEU B 18 -6.62 19.92 2.66
CA LEU B 18 -7.48 19.27 3.65
C LEU B 18 -6.73 19.01 4.96
N ARG B 19 -5.40 18.99 4.93
CA ARG B 19 -4.59 18.81 6.13
C ARG B 19 -3.76 20.05 6.44
N LYS B 20 -4.03 21.17 5.77
CA LYS B 20 -3.25 22.38 5.99
C LYS B 20 -3.43 22.89 7.42
N GLY B 21 -2.33 23.17 8.09
CA GLY B 21 -2.39 23.64 9.46
C GLY B 21 -2.87 22.59 10.45
N LYS B 22 -2.68 21.31 10.14
CA LYS B 22 -3.11 20.24 11.01
C LYS B 22 -2.02 19.19 11.09
N VAL B 23 -2.18 18.27 12.03
CA VAL B 23 -1.29 17.13 12.11
C VAL B 23 -1.37 16.33 10.82
N GLY B 24 -0.22 16.05 10.22
CA GLY B 24 -0.16 15.34 8.96
C GLY B 24 -0.08 16.22 7.73
N GLU B 25 0.07 17.53 7.88
CA GLU B 25 0.17 18.40 6.72
C GLU B 25 1.32 17.95 5.83
N PRO B 26 1.10 17.73 4.54
CA PRO B 26 2.13 17.12 3.69
C PRO B 26 3.01 18.15 3.02
N GLY B 27 4.17 17.67 2.57
CA GLY B 27 4.98 18.38 1.61
C GLY B 27 4.53 18.06 0.21
N ASP B 28 5.40 18.36 -0.75
CA ASP B 28 5.04 18.19 -2.15
C ASP B 28 5.34 16.77 -2.61
N ILE B 29 4.53 16.31 -3.57
CA ILE B 29 4.74 15.07 -4.29
C ILE B 29 5.91 15.23 -5.25
N GLY B 30 6.66 14.13 -5.45
CA GLY B 30 7.73 14.09 -6.42
C GLY B 30 8.98 13.36 -5.94
N HIS B 31 9.21 13.36 -4.62
CA HIS B 31 10.43 12.80 -4.07
C HIS B 31 10.26 11.30 -3.85
N TYR B 32 11.21 10.70 -3.14
CA TYR B 32 11.18 9.28 -2.87
C TYR B 32 10.10 8.91 -1.86
N ALA B 33 9.75 9.84 -0.97
CA ALA B 33 8.71 9.60 0.01
C ALA B 33 7.98 10.90 0.27
N ALA B 34 6.82 10.79 0.91
CA ALA B 34 6.10 11.98 1.36
C ALA B 34 6.50 12.27 2.79
N LEU B 35 6.45 13.55 3.16
CA LEU B 35 6.78 14.00 4.51
C LEU B 35 5.56 14.65 5.15
N LEU B 36 5.16 14.16 6.32
CA LEU B 36 3.95 14.61 6.99
C LEU B 36 4.34 15.26 8.31
N ASP B 37 3.88 16.50 8.51
CA ASP B 37 4.23 17.31 9.68
C ASP B 37 3.45 16.83 10.90
N PHE B 38 4.15 16.17 11.83
CA PHE B 38 3.58 15.76 13.10
C PHE B 38 4.08 16.62 14.26
N GLY B 39 4.53 17.84 13.97
CA GLY B 39 4.93 18.75 15.02
C GLY B 39 6.39 18.67 15.39
N ASN B 40 6.74 17.76 16.30
CA ASN B 40 8.13 17.62 16.69
C ASN B 40 8.96 16.89 15.64
N PHE B 41 8.32 16.27 14.65
CA PHE B 41 9.02 15.45 13.69
C PHE B 41 8.18 15.36 12.41
N TYR B 42 8.80 14.83 11.37
CA TYR B 42 8.10 14.44 10.16
C TYR B 42 7.93 12.93 10.14
N LEU B 43 6.79 12.49 9.61
CA LEU B 43 6.57 11.08 9.28
C LEU B 43 6.78 10.92 7.77
N ALA B 44 7.63 9.97 7.39
CA ALA B 44 7.85 9.67 5.98
C ALA B 44 7.00 8.48 5.57
N MET B 45 6.38 8.57 4.39
CA MET B 45 5.46 7.56 3.88
C MET B 45 5.74 7.28 2.42
N THR B 46 5.85 6.00 2.06
CA THR B 46 6.13 5.60 0.69
C THR B 46 5.48 4.25 0.40
N THR B 47 5.22 3.99 -0.88
CA THR B 47 4.64 2.71 -1.30
C THR B 47 5.24 2.31 -2.65
N ASP B 48 5.44 1.00 -2.81
CA ASP B 48 6.01 0.47 -4.05
C ASP B 48 5.75 -1.03 -4.10
N GLY B 49 5.66 -1.56 -5.32
CA GLY B 49 5.55 -2.98 -5.54
C GLY B 49 6.82 -3.58 -6.12
N VAL B 50 6.86 -4.91 -6.15
CA VAL B 50 8.03 -5.62 -6.67
C VAL B 50 8.12 -5.48 -8.19
N GLY B 51 7.00 -5.59 -8.88
CA GLY B 51 7.00 -5.58 -10.34
C GLY B 51 6.94 -6.98 -10.91
N THR B 52 7.17 -7.05 -12.23
CA THR B 52 7.02 -8.31 -12.96
C THR B 52 8.13 -9.33 -12.64
N LYS B 53 9.03 -8.99 -11.71
CA LYS B 53 9.94 -9.98 -11.14
C LYS B 53 9.19 -11.15 -10.53
N VAL B 54 7.98 -10.92 -10.01
CA VAL B 54 7.17 -12.00 -9.49
C VAL B 54 6.81 -13.01 -10.58
N LEU B 55 6.75 -12.59 -11.85
CA LEU B 55 6.47 -13.54 -12.93
C LEU B 55 7.61 -14.53 -13.10
N VAL B 56 8.85 -14.06 -12.96
CA VAL B 56 9.99 -14.97 -12.97
C VAL B 56 9.91 -15.89 -11.76
N ALA B 57 9.52 -15.33 -10.61
CA ALA B 57 9.39 -16.12 -9.39
C ALA B 57 8.40 -17.28 -9.60
N GLU B 58 7.23 -17.00 -10.17
CA GLU B 58 6.25 -18.05 -10.41
C GLU B 58 6.74 -19.06 -11.45
N ALA B 59 7.43 -18.59 -12.49
CA ALA B 59 7.87 -19.48 -13.56
C ALA B 59 8.76 -20.59 -13.01
N VAL B 60 9.64 -20.25 -12.07
CA VAL B 60 10.60 -21.22 -11.54
C VAL B 60 10.22 -21.72 -10.15
N GLY B 61 9.21 -21.13 -9.51
CA GLY B 61 8.81 -21.55 -8.19
C GLY B 61 9.67 -21.05 -7.05
N LYS B 62 10.36 -19.92 -7.20
CA LYS B 62 11.22 -19.36 -6.15
C LYS B 62 10.62 -18.05 -5.70
N PHE B 63 10.06 -18.04 -4.48
CA PHE B 63 9.31 -16.90 -3.96
C PHE B 63 9.90 -16.35 -2.68
N ASP B 64 11.03 -16.85 -2.22
CA ASP B 64 11.57 -16.45 -0.91
C ASP B 64 12.47 -15.22 -0.99
N THR B 65 12.52 -14.55 -2.14
CA THR B 65 13.28 -13.31 -2.25
C THR B 65 12.46 -12.10 -2.65
N ILE B 66 11.27 -12.28 -3.24
CA ILE B 66 10.48 -11.12 -3.60
C ILE B 66 9.99 -10.39 -2.35
N GLY B 67 9.89 -11.10 -1.23
CA GLY B 67 9.56 -10.45 0.03
C GLY B 67 10.67 -9.54 0.49
N ILE B 68 11.92 -9.87 0.17
CA ILE B 68 13.03 -8.95 0.43
C ILE B 68 12.96 -7.78 -0.53
N ASP B 69 12.68 -8.05 -1.81
CA ASP B 69 12.53 -6.98 -2.79
C ASP B 69 11.48 -5.98 -2.35
N MET B 70 10.34 -6.46 -1.84
CA MET B 70 9.27 -5.55 -1.47
C MET B 70 9.71 -4.65 -0.31
N ILE B 71 10.33 -5.24 0.70
CA ILE B 71 10.76 -4.46 1.86
C ILE B 71 11.88 -3.51 1.47
N ALA B 72 12.84 -3.99 0.67
CA ALA B 72 13.93 -3.13 0.21
C ALA B 72 13.40 -1.94 -0.57
N MET B 73 12.53 -2.19 -1.56
CA MET B 73 11.94 -1.10 -2.35
C MET B 73 11.42 0.02 -1.44
N ASN B 74 10.76 -0.35 -0.36
CA ASN B 74 10.10 0.68 0.45
C ASN B 74 11.03 1.32 1.47
N VAL B 75 11.84 0.53 2.19
CA VAL B 75 12.70 1.15 3.19
C VAL B 75 13.82 1.96 2.54
N ASN B 76 14.34 1.52 1.38
CA ASN B 76 15.39 2.31 0.74
C ASN B 76 14.85 3.66 0.28
N ASP B 77 13.55 3.71 -0.05
CA ASP B 77 12.94 4.99 -0.43
C ASP B 77 12.82 5.91 0.77
N LEU B 78 12.50 5.37 1.95
CA LEU B 78 12.45 6.18 3.17
C LEU B 78 13.80 6.81 3.48
N LEU B 79 14.89 6.08 3.23
CA LEU B 79 16.23 6.63 3.48
C LEU B 79 16.49 7.90 2.70
N CYS B 80 15.90 8.03 1.51
CA CYS B 80 16.24 9.12 0.62
C CYS B 80 15.62 10.46 1.02
N VAL B 81 14.93 10.53 2.16
CA VAL B 81 14.59 11.79 2.80
C VAL B 81 15.19 11.89 4.19
N GLY B 82 16.10 11.00 4.55
CA GLY B 82 16.76 11.04 5.85
C GLY B 82 16.03 10.32 6.95
N ALA B 83 15.06 9.49 6.63
CA ALA B 83 14.18 8.91 7.62
C ALA B 83 14.66 7.53 8.04
N GLU B 84 14.42 7.21 9.31
CA GLU B 84 14.65 5.87 9.81
C GLU B 84 13.39 5.05 9.59
N PRO B 85 13.45 3.96 8.84
CA PRO B 85 12.26 3.12 8.64
C PRO B 85 11.79 2.51 9.95
N LEU B 86 10.47 2.44 10.11
CA LEU B 86 9.89 1.92 11.36
C LEU B 86 8.99 0.72 11.11
N ALA B 87 8.03 0.83 10.20
CA ALA B 87 6.95 -0.13 10.10
C ALA B 87 6.46 -0.21 8.66
N LEU B 88 5.86 -1.34 8.33
CA LEU B 88 5.43 -1.60 6.97
C LEU B 88 4.18 -2.45 7.00
N VAL B 89 3.31 -2.24 6.02
CA VAL B 89 2.22 -3.16 5.70
C VAL B 89 2.44 -3.65 4.27
N ASP B 90 1.98 -4.86 3.99
CA ASP B 90 2.15 -5.41 2.66
C ASP B 90 0.81 -5.69 2.01
N TYR B 91 0.74 -5.46 0.71
CA TYR B 91 -0.44 -5.71 -0.10
C TYR B 91 -0.12 -6.89 -1.01
N PHE B 92 -0.76 -8.02 -0.75
CA PHE B 92 -0.53 -9.25 -1.50
C PHE B 92 -1.79 -9.55 -2.32
N ALA B 93 -1.72 -9.29 -3.62
CA ALA B 93 -2.83 -9.55 -4.55
C ALA B 93 -2.46 -10.78 -5.39
N VAL B 94 -3.23 -11.86 -5.25
CA VAL B 94 -2.81 -13.16 -5.74
C VAL B 94 -3.91 -13.79 -6.58
N LYS B 95 -3.49 -14.61 -7.54
CA LYS B 95 -4.43 -15.37 -8.34
C LYS B 95 -5.06 -16.50 -7.54
N GLU B 96 -4.38 -17.00 -6.50
CA GLU B 96 -4.88 -18.12 -5.72
C GLU B 96 -4.12 -18.16 -4.39
N PRO B 97 -4.72 -18.71 -3.33
CA PRO B 97 -3.99 -18.85 -2.04
C PRO B 97 -3.15 -20.11 -1.98
N ASN B 98 -2.10 -20.16 -2.80
CA ASN B 98 -1.17 -21.28 -2.77
C ASN B 98 -0.33 -21.25 -1.50
N GLU B 99 -0.49 -22.25 -0.64
CA GLU B 99 0.17 -22.27 0.65
C GLU B 99 1.69 -22.36 0.51
N GLU B 100 2.18 -23.07 -0.51
CA GLU B 100 3.62 -23.15 -0.70
C GLU B 100 4.20 -21.79 -1.03
N VAL B 101 3.56 -21.06 -1.96
CA VAL B 101 4.01 -19.73 -2.34
C VAL B 101 4.04 -18.80 -1.13
N PHE B 102 2.97 -18.81 -0.32
CA PHE B 102 2.90 -17.92 0.84
C PHE B 102 3.96 -18.25 1.89
N LYS B 103 4.32 -19.52 2.03
CA LYS B 103 5.37 -19.90 2.98
C LYS B 103 6.72 -19.37 2.55
N GLN B 104 7.04 -19.48 1.25
CA GLN B 104 8.25 -18.87 0.72
C GLN B 104 8.23 -17.35 0.88
N VAL B 105 7.10 -16.72 0.52
CA VAL B 105 7.00 -15.27 0.60
C VAL B 105 7.29 -14.81 2.03
N ALA B 106 6.75 -15.52 3.01
CA ALA B 106 6.94 -15.13 4.42
C ALA B 106 8.41 -15.25 4.84
N LYS B 107 9.15 -16.20 4.28
CA LYS B 107 10.57 -16.31 4.60
C LYS B 107 11.32 -15.04 4.20
N GLY B 108 11.12 -14.59 2.95
CA GLY B 108 11.78 -13.37 2.52
C GLY B 108 11.32 -12.14 3.26
N LEU B 109 10.02 -12.08 3.61
CA LEU B 109 9.52 -10.96 4.40
C LEU B 109 10.22 -10.87 5.74
N TYR B 110 10.48 -12.01 6.38
CA TYR B 110 11.19 -11.97 7.66
C TYR B 110 12.63 -11.51 7.47
N LYS B 111 13.32 -12.09 6.49
CA LYS B 111 14.71 -11.71 6.25
C LYS B 111 14.84 -10.22 5.96
N GLY B 112 14.01 -9.71 5.04
CA GLY B 112 14.06 -8.29 4.74
C GLY B 112 13.78 -7.43 5.95
N ALA B 113 12.70 -7.72 6.67
CA ALA B 113 12.34 -6.90 7.83
C ALA B 113 13.44 -6.91 8.89
N GLU B 114 14.08 -8.07 9.10
CA GLU B 114 15.16 -8.14 10.08
C GLU B 114 16.34 -7.28 9.66
N GLU B 115 16.69 -7.31 8.37
CA GLU B 115 17.79 -6.48 7.86
C GLU B 115 17.47 -4.99 7.97
N ALA B 116 16.22 -4.62 7.69
CA ALA B 116 15.86 -3.20 7.70
C ALA B 116 15.53 -2.68 9.10
N GLY B 117 15.27 -3.58 10.05
CA GLY B 117 14.85 -3.14 11.37
C GLY B 117 13.41 -2.64 11.44
N VAL B 118 12.52 -3.15 10.57
CA VAL B 118 11.13 -2.73 10.58
C VAL B 118 10.26 -3.89 11.02
N ALA B 119 9.12 -3.54 11.60
CA ALA B 119 8.06 -4.49 11.92
C ALA B 119 7.04 -4.47 10.79
N ILE B 120 6.61 -5.66 10.36
CA ILE B 120 5.47 -5.79 9.46
C ILE B 120 4.22 -5.83 10.34
N VAL B 121 3.47 -4.72 10.36
CA VAL B 121 2.44 -4.53 11.36
C VAL B 121 1.06 -4.90 10.87
N GLY B 122 0.91 -5.20 9.58
CA GLY B 122 -0.39 -5.55 9.04
C GLY B 122 -0.30 -5.71 7.54
N GLY B 123 -1.44 -5.85 6.90
CA GLY B 123 -1.42 -6.02 5.47
C GLY B 123 -2.79 -6.33 4.91
N GLU B 124 -2.78 -6.77 3.66
CA GLU B 124 -3.99 -7.10 2.93
C GLU B 124 -3.69 -8.22 1.97
N THR B 125 -4.59 -9.21 1.93
CA THR B 125 -4.47 -10.35 1.03
C THR B 125 -5.75 -10.43 0.22
N ALA B 126 -5.62 -10.36 -1.11
CA ALA B 126 -6.77 -10.26 -2.00
C ALA B 126 -6.63 -11.28 -3.11
N VAL B 127 -7.53 -12.26 -3.13
CA VAL B 127 -7.52 -13.29 -4.17
C VAL B 127 -8.43 -12.79 -5.29
N MET B 128 -7.83 -12.49 -6.45
CA MET B 128 -8.53 -11.91 -7.59
C MET B 128 -7.96 -12.49 -8.88
N PRO B 129 -8.29 -13.75 -9.19
CA PRO B 129 -7.77 -14.37 -10.43
C PRO B 129 -8.19 -13.66 -11.71
N ASP B 130 -9.38 -13.04 -11.75
CA ASP B 130 -9.73 -12.28 -12.94
C ASP B 130 -8.81 -11.08 -13.17
N LEU B 131 -8.18 -10.57 -12.11
CA LEU B 131 -7.39 -9.34 -12.19
C LEU B 131 -5.89 -9.56 -12.23
N ILE B 132 -5.37 -10.61 -11.58
CA ILE B 132 -3.95 -10.76 -11.35
C ILE B 132 -3.50 -12.08 -11.96
N ASN B 133 -2.56 -12.00 -12.90
CA ASN B 133 -1.94 -13.17 -13.52
C ASN B 133 -0.72 -13.63 -12.76
N GLY B 134 -0.79 -13.68 -11.44
CA GLY B 134 0.35 -14.09 -10.64
C GLY B 134 0.20 -13.72 -9.17
N TYR B 135 1.29 -13.27 -8.57
CA TYR B 135 1.33 -12.90 -7.15
C TYR B 135 1.96 -11.53 -7.07
N ASP B 136 1.12 -10.49 -7.14
CA ASP B 136 1.58 -9.11 -7.05
C ASP B 136 1.79 -8.76 -5.58
N LEU B 137 3.00 -8.39 -5.23
CA LEU B 137 3.34 -8.07 -3.85
C LEU B 137 3.84 -6.63 -3.79
N ALA B 138 3.12 -5.79 -3.05
CA ALA B 138 3.52 -4.41 -2.83
C ALA B 138 3.49 -4.13 -1.34
N GLY B 139 3.87 -2.92 -0.98
CA GLY B 139 3.92 -2.57 0.44
C GLY B 139 3.93 -1.07 0.62
N THR B 140 3.75 -0.67 1.87
CA THR B 140 3.81 0.73 2.29
C THR B 140 4.63 0.80 3.57
N ALA B 141 5.64 1.66 3.58
CA ALA B 141 6.54 1.82 4.71
C ALA B 141 6.38 3.20 5.35
N ILE B 142 6.61 3.24 6.66
CA ILE B 142 6.53 4.44 7.47
C ILE B 142 7.90 4.65 8.10
N GLY B 143 8.39 5.90 8.11
CA GLY B 143 9.62 6.23 8.79
C GLY B 143 9.51 7.56 9.52
N ILE B 144 10.55 7.88 10.29
CA ILE B 144 10.59 9.10 11.09
C ILE B 144 11.84 9.89 10.75
N VAL B 145 11.70 11.22 10.68
CA VAL B 145 12.83 12.12 10.52
C VAL B 145 12.55 13.37 11.36
N GLU B 146 13.59 13.86 12.03
CA GLU B 146 13.45 15.05 12.86
C GLU B 146 13.36 16.30 12.00
N LYS B 147 12.69 17.32 12.54
CA LYS B 147 12.74 18.62 11.90
C LYS B 147 14.18 19.10 11.82
N GLY B 148 14.54 19.70 10.68
CA GLY B 148 15.90 20.14 10.46
C GLY B 148 16.87 19.04 10.08
N LYS B 149 16.43 17.79 9.97
CA LYS B 149 17.31 16.68 9.57
C LYS B 149 16.85 16.03 8.27
N VAL B 150 15.95 16.67 7.52
CA VAL B 150 15.47 16.12 6.27
C VAL B 150 16.54 16.33 5.20
N ILE B 151 16.72 15.34 4.33
CA ILE B 151 17.70 15.37 3.25
C ILE B 151 16.96 15.12 1.94
N THR B 152 16.90 16.15 1.08
CA THR B 152 16.16 16.07 -0.16
C THR B 152 17.00 16.29 -1.41
N GLY B 153 18.26 16.72 -1.27
CA GLY B 153 19.07 17.14 -2.41
C GLY B 153 19.15 18.64 -2.58
N GLU B 154 18.33 19.40 -1.84
CA GLU B 154 18.35 20.85 -1.95
C GLU B 154 19.72 21.43 -1.64
N ARG B 155 20.48 20.76 -0.78
CA ARG B 155 21.80 21.23 -0.38
C ARG B 155 22.89 20.83 -1.36
N ILE B 156 22.57 20.08 -2.41
CA ILE B 156 23.60 19.67 -3.36
C ILE B 156 24.09 20.90 -4.10
N ARG B 157 25.39 21.03 -4.22
CA ARG B 157 26.00 22.17 -4.90
C ARG B 157 27.10 21.65 -5.82
N PRO B 158 27.45 22.39 -6.87
CA PRO B 158 28.59 22.00 -7.69
C PRO B 158 29.84 21.80 -6.84
N GLY B 159 30.63 20.79 -7.23
CA GLY B 159 31.79 20.38 -6.48
C GLY B 159 31.56 19.20 -5.56
N ASP B 160 30.31 18.95 -5.16
CA ASP B 160 30.00 17.88 -4.23
C ASP B 160 30.47 16.54 -4.78
N SER B 161 30.87 15.66 -3.87
CA SER B 161 31.31 14.32 -4.24
C SER B 161 30.12 13.38 -4.39
N VAL B 162 30.19 12.50 -5.37
CA VAL B 162 29.13 11.56 -5.69
C VAL B 162 29.67 10.16 -5.44
N ILE B 163 29.02 9.43 -4.54
CA ILE B 163 29.48 8.12 -4.10
C ILE B 163 28.39 7.10 -4.41
N GLY B 164 28.79 5.96 -4.99
CA GLY B 164 27.84 4.91 -5.26
C GLY B 164 28.06 3.67 -4.42
N ILE B 165 26.98 3.08 -3.92
CA ILE B 165 27.03 1.80 -3.23
C ILE B 165 26.58 0.73 -4.20
N SER B 166 27.40 -0.32 -4.33
CA SER B 166 27.11 -1.39 -5.26
C SER B 166 25.75 -2.01 -4.97
N SER B 167 25.08 -2.42 -6.05
CA SER B 167 23.86 -3.17 -5.98
C SER B 167 24.17 -4.65 -5.79
N SER B 168 23.15 -5.42 -5.44
CA SER B 168 23.35 -6.86 -5.43
C SER B 168 23.16 -7.48 -6.80
N GLY B 169 22.66 -6.71 -7.77
CA GLY B 169 22.27 -7.25 -9.06
C GLY B 169 21.19 -6.38 -9.67
N ILE B 170 20.25 -7.01 -10.39
CA ILE B 170 19.22 -6.25 -11.11
C ILE B 170 18.26 -5.54 -10.17
N HIS B 171 18.16 -5.97 -8.91
CA HIS B 171 17.18 -5.43 -7.95
C HIS B 171 15.79 -5.65 -8.55
N SER B 172 14.96 -4.62 -8.70
CA SER B 172 13.55 -4.78 -9.03
C SER B 172 13.09 -3.79 -10.09
N ASN B 173 13.99 -3.39 -10.99
CA ASN B 173 13.61 -2.48 -12.05
C ASN B 173 14.28 -2.94 -13.33
N GLY B 174 13.57 -2.78 -14.46
CA GLY B 174 14.03 -3.33 -15.71
C GLY B 174 13.70 -4.78 -15.94
N LEU B 175 12.93 -5.40 -15.04
CA LEU B 175 12.67 -6.83 -15.16
C LEU B 175 11.84 -7.14 -16.41
N THR B 176 10.93 -6.24 -16.78
CA THR B 176 10.12 -6.50 -17.97
C THR B 176 10.98 -6.56 -19.23
N LEU B 177 11.89 -5.60 -19.40
CA LEU B 177 12.82 -5.66 -20.52
C LEU B 177 13.67 -6.93 -20.44
N ALA B 178 14.19 -7.24 -19.25
CA ALA B 178 15.06 -8.41 -19.10
C ALA B 178 14.31 -9.70 -19.44
N ARG B 179 13.04 -9.80 -19.01
CA ARG B 179 12.22 -10.98 -19.27
C ARG B 179 12.01 -11.20 -20.75
N LYS B 180 11.47 -10.18 -21.45
CA LYS B 180 11.11 -10.34 -22.85
C LYS B 180 12.31 -10.51 -23.75
N LEU B 181 13.48 -10.02 -23.34
CA LEU B 181 14.68 -10.15 -24.15
C LEU B 181 15.36 -11.50 -23.96
N LEU B 182 15.52 -11.96 -22.71
CA LEU B 182 16.35 -13.12 -22.43
C LEU B 182 15.59 -14.42 -22.36
N ILE B 183 14.38 -14.42 -21.82
CA ILE B 183 13.72 -15.69 -21.50
C ILE B 183 13.36 -16.46 -22.77
N PRO B 184 12.79 -15.86 -23.83
CA PRO B 184 12.52 -16.66 -25.04
C PRO B 184 13.76 -17.26 -25.65
N LYS B 185 14.86 -16.49 -25.73
CA LYS B 185 16.05 -16.96 -26.41
C LYS B 185 16.82 -17.98 -25.60
N TYR B 186 16.94 -17.80 -24.28
CA TYR B 186 17.79 -18.62 -23.45
C TYR B 186 17.05 -19.51 -22.47
N GLY B 187 15.87 -19.11 -22.02
CA GLY B 187 15.21 -19.81 -20.93
C GLY B 187 15.87 -19.53 -19.59
N LEU B 188 15.11 -19.77 -18.53
CA LEU B 188 15.58 -19.44 -17.19
C LEU B 188 16.64 -20.39 -16.67
N ASP B 189 16.86 -21.52 -17.35
CA ASP B 189 17.91 -22.44 -16.96
C ASP B 189 19.24 -22.16 -17.62
N TYR B 190 19.32 -21.25 -18.59
CA TYR B 190 20.60 -20.95 -19.23
C TYR B 190 21.60 -20.46 -18.19
N GLU B 191 22.82 -21.00 -18.25
CA GLU B 191 23.88 -20.62 -17.32
C GLU B 191 24.75 -19.54 -17.94
N TYR B 192 24.87 -18.41 -17.26
CA TYR B 192 25.71 -17.30 -17.66
C TYR B 192 26.67 -16.99 -16.52
N GLU B 193 27.97 -17.13 -16.77
CA GLU B 193 29.02 -16.86 -15.78
C GLU B 193 28.79 -17.64 -14.49
N GLY B 194 28.39 -18.90 -14.62
CA GLY B 194 28.22 -19.78 -13.48
C GLY B 194 26.93 -19.63 -12.70
N ARG B 195 25.94 -18.91 -13.24
CA ARG B 195 24.66 -18.76 -12.55
C ARG B 195 23.53 -18.92 -13.55
N LYS B 196 22.47 -19.61 -13.13
CA LYS B 196 21.28 -19.69 -13.98
C LYS B 196 20.65 -18.32 -14.13
N LEU B 197 20.04 -18.10 -15.29
CA LEU B 197 19.36 -16.84 -15.54
C LEU B 197 18.31 -16.54 -14.46
N TRP B 198 17.65 -17.56 -13.90
CA TRP B 198 16.69 -17.24 -12.85
C TRP B 198 17.38 -16.83 -11.57
N GLU B 199 18.61 -17.31 -11.35
CA GLU B 199 19.38 -16.81 -10.21
C GLU B 199 19.76 -15.35 -10.40
N TRP B 200 20.14 -14.95 -11.63
CA TRP B 200 20.42 -13.55 -11.90
C TRP B 200 19.18 -12.69 -11.69
N LEU B 201 18.04 -13.15 -12.20
CA LEU B 201 16.84 -12.32 -12.24
C LEU B 201 16.12 -12.25 -10.91
N LEU B 202 16.38 -13.17 -9.98
CA LEU B 202 15.68 -13.24 -8.70
C LEU B 202 16.58 -12.88 -7.52
N GLU B 203 17.84 -12.54 -7.75
CA GLU B 203 18.71 -12.07 -6.68
C GLU B 203 18.02 -10.92 -5.94
N PRO B 204 17.85 -11.00 -4.63
CA PRO B 204 17.03 -9.99 -3.93
C PRO B 204 17.72 -8.64 -3.85
N THR B 205 16.91 -7.60 -3.85
CA THR B 205 17.40 -6.23 -3.75
C THR B 205 18.12 -5.99 -2.43
N ARG B 206 19.29 -5.36 -2.52
CA ARG B 206 20.08 -4.97 -1.35
C ARG B 206 19.36 -3.96 -0.48
N ILE B 207 19.52 -4.09 0.83
CA ILE B 207 18.94 -3.16 1.81
C ILE B 207 20.06 -2.28 2.35
N TYR B 208 19.85 -0.96 2.30
CA TYR B 208 20.88 0.03 2.61
C TYR B 208 20.64 0.73 3.94
N VAL B 209 19.70 0.24 4.75
CA VAL B 209 19.28 0.96 5.95
C VAL B 209 20.45 1.15 6.91
N ARG B 210 21.21 0.08 7.16
CA ARG B 210 22.31 0.15 8.12
C ARG B 210 23.42 1.10 7.68
N PRO B 211 24.04 0.93 6.49
CA PRO B 211 25.09 1.88 6.09
C PRO B 211 24.60 3.32 5.98
N ILE B 212 23.37 3.55 5.49
CA ILE B 212 22.91 4.92 5.28
C ILE B 212 22.59 5.59 6.61
N LEU B 213 21.91 4.88 7.51
CA LEU B 213 21.63 5.48 8.82
C LEU B 213 22.92 5.76 9.57
N GLU B 214 23.90 4.87 9.46
CA GLU B 214 25.22 5.17 10.03
C GLU B 214 25.82 6.41 9.38
N LEU B 215 25.63 6.56 8.06
CA LEU B 215 26.28 7.64 7.33
C LEU B 215 25.72 9.01 7.74
N ILE B 216 24.40 9.17 7.67
CA ILE B 216 23.83 10.49 7.96
C ILE B 216 24.02 10.88 9.42
N ASN B 217 24.33 9.93 10.29
CA ASN B 217 24.63 10.25 11.68
C ASN B 217 26.11 10.51 11.94
N SER B 218 26.93 10.47 10.90
CA SER B 218 28.37 10.62 11.04
C SER B 218 28.95 11.79 10.26
N VAL B 219 28.49 12.03 9.02
CA VAL B 219 29.04 13.09 8.18
C VAL B 219 27.89 13.93 7.62
N GLU B 220 28.25 15.09 7.08
CA GLU B 220 27.29 15.92 6.37
C GLU B 220 26.89 15.24 5.06
N VAL B 221 25.60 15.22 4.78
CA VAL B 221 25.06 14.57 3.60
C VAL B 221 24.15 15.57 2.89
N HIS B 222 24.26 15.65 1.56
CA HIS B 222 23.52 16.60 0.76
C HIS B 222 22.44 15.98 -0.11
N GLY B 223 22.50 14.68 -0.35
CA GLY B 223 21.54 14.01 -1.22
C GLY B 223 21.63 12.50 -1.12
N LEU B 224 20.49 11.83 -1.21
CA LEU B 224 20.45 10.37 -1.17
C LEU B 224 19.47 9.88 -2.23
N ALA B 225 19.86 8.87 -3.00
CA ALA B 225 19.03 8.43 -4.12
C ALA B 225 19.11 6.93 -4.30
N ALA B 226 17.97 6.26 -4.14
CA ALA B 226 17.85 4.86 -4.53
C ALA B 226 17.77 4.79 -6.05
N ILE B 227 18.56 3.87 -6.63
CA ILE B 227 18.66 3.76 -8.08
C ILE B 227 17.62 2.74 -8.53
N THR B 228 16.46 3.24 -8.96
CA THR B 228 15.34 2.39 -9.29
C THR B 228 14.84 2.69 -10.69
N GLY B 229 13.53 2.77 -10.87
CA GLY B 229 12.94 3.12 -12.14
C GLY B 229 13.65 4.30 -12.79
N GLY B 230 14.10 4.11 -14.04
CA GLY B 230 14.81 5.15 -14.74
C GLY B 230 16.30 5.19 -14.47
N GLY B 231 16.83 4.27 -13.68
CA GLY B 231 18.26 4.14 -13.54
C GLY B 231 18.88 5.41 -13.00
N LEU B 232 19.94 5.89 -13.66
CA LEU B 232 20.67 7.05 -13.19
C LEU B 232 19.84 8.34 -13.31
N LEU B 233 18.76 8.32 -14.10
CA LEU B 233 17.91 9.51 -14.21
C LEU B 233 17.36 9.95 -12.85
N ASN B 234 17.34 9.05 -11.87
CA ASN B 234 16.89 9.38 -10.52
C ASN B 234 17.74 10.48 -9.89
N LEU B 235 19.00 10.64 -10.31
CA LEU B 235 19.82 11.73 -9.78
C LEU B 235 19.23 13.09 -10.12
N LYS B 236 18.52 13.19 -11.25
CA LYS B 236 17.92 14.47 -11.59
C LYS B 236 16.75 14.83 -10.68
N ARG B 237 16.27 13.89 -9.88
CA ARG B 237 15.21 14.23 -8.92
C ARG B 237 15.74 15.03 -7.75
N LEU B 238 17.04 14.91 -7.45
CA LEU B 238 17.63 15.58 -6.30
C LEU B 238 18.03 17.02 -6.60
N THR B 239 18.31 17.35 -7.85
CA THR B 239 18.92 18.64 -8.15
C THR B 239 18.91 18.87 -9.65
N ASN B 240 18.95 20.14 -10.02
CA ASN B 240 19.12 20.50 -11.42
C ASN B 240 20.58 20.65 -11.81
N TYR B 241 21.51 20.60 -10.86
CA TYR B 241 22.92 20.64 -11.22
C TYR B 241 23.31 19.36 -11.95
N GLY B 242 24.42 19.43 -12.66
CA GLY B 242 24.87 18.31 -13.45
C GLY B 242 25.71 17.34 -12.65
N PHE B 243 26.02 16.22 -13.30
CA PHE B 243 26.84 15.16 -12.71
C PHE B 243 27.87 14.70 -13.73
N GLU B 244 29.10 14.50 -13.27
CA GLU B 244 30.14 13.86 -14.05
C GLU B 244 30.53 12.59 -13.32
N LEU B 245 30.35 11.43 -13.97
CA LEU B 245 30.47 10.14 -13.29
C LEU B 245 31.32 9.16 -14.08
N GLU B 246 31.96 8.24 -13.34
CA GLU B 246 32.63 7.06 -13.89
C GLU B 246 31.93 5.84 -13.33
N MET B 247 31.26 5.08 -14.19
CA MET B 247 30.46 4.00 -13.64
C MET B 247 31.21 2.68 -13.68
N PRO B 248 30.86 1.73 -12.82
CA PRO B 248 31.60 0.45 -12.77
C PRO B 248 31.55 -0.28 -14.10
N PRO B 249 32.44 -1.24 -14.31
CA PRO B 249 32.38 -2.07 -15.53
C PRO B 249 31.06 -2.83 -15.61
N ILE B 250 30.59 -3.03 -16.83
CA ILE B 250 29.33 -3.72 -17.09
C ILE B 250 29.57 -5.20 -16.89
N GLU B 251 28.98 -5.79 -15.86
CA GLU B 251 29.23 -7.19 -15.55
C GLU B 251 27.93 -7.92 -15.28
N GLY B 252 28.02 -9.25 -15.23
CA GLY B 252 26.89 -10.06 -14.82
C GLY B 252 25.72 -9.92 -15.75
N ILE B 253 24.52 -9.84 -15.16
CA ILE B 253 23.29 -9.85 -15.94
C ILE B 253 23.24 -8.64 -16.87
N PHE B 254 23.84 -7.52 -16.48
CA PHE B 254 23.77 -6.33 -17.32
C PHE B 254 24.56 -6.52 -18.60
N LYS B 255 25.71 -7.18 -18.52
CA LYS B 255 26.47 -7.48 -19.72
C LYS B 255 25.69 -8.39 -20.66
N LEU B 256 25.06 -9.43 -20.12
CA LEU B 256 24.26 -10.31 -20.97
C LEU B 256 23.14 -9.53 -21.66
N ILE B 257 22.49 -8.62 -20.94
CA ILE B 257 21.42 -7.82 -21.53
C ILE B 257 21.99 -6.92 -22.63
N HIS B 258 23.08 -6.21 -22.32
CA HIS B 258 23.73 -5.33 -23.29
C HIS B 258 24.08 -6.09 -24.56
N GLU B 259 24.77 -7.23 -24.40
CA GLU B 259 25.20 -8.01 -25.55
C GLU B 259 24.05 -8.56 -26.38
N ASN B 260 22.81 -8.50 -25.88
CA ASN B 260 21.65 -8.94 -26.63
C ASN B 260 20.94 -7.79 -27.31
N GLY B 261 21.59 -6.64 -27.45
CA GLY B 261 21.11 -5.59 -28.32
C GLY B 261 20.59 -4.33 -27.66
N VAL B 262 20.74 -4.18 -26.34
CA VAL B 262 20.24 -3.01 -25.64
C VAL B 262 21.39 -1.99 -25.55
N PRO B 263 21.25 -0.81 -26.17
CA PRO B 263 22.36 0.15 -26.17
C PRO B 263 22.64 0.69 -24.78
N LEU B 264 23.88 1.13 -24.60
CA LEU B 264 24.35 1.51 -23.28
C LEU B 264 23.57 2.71 -22.73
N ASP B 265 23.22 3.66 -23.60
CA ASP B 265 22.52 4.83 -23.11
C ASP B 265 21.11 4.47 -22.63
N GLU B 266 20.49 3.46 -23.25
CA GLU B 266 19.21 2.96 -22.76
C GLU B 266 19.37 2.21 -21.45
N MET B 267 20.48 1.49 -21.27
CA MET B 267 20.64 0.68 -20.06
C MET B 267 20.81 1.55 -18.82
N PHE B 268 21.50 2.68 -18.95
CA PHE B 268 21.65 3.57 -17.79
C PHE B 268 20.35 4.28 -17.44
N ARG B 269 19.34 4.24 -18.31
CA ARG B 269 18.02 4.78 -18.04
C ARG B 269 17.03 3.72 -17.58
N VAL B 270 17.48 2.47 -17.38
CA VAL B 270 16.57 1.38 -17.06
C VAL B 270 17.09 0.58 -15.85
N PHE B 271 18.36 0.19 -15.90
CA PHE B 271 18.97 -0.67 -14.89
C PHE B 271 19.90 0.12 -14.00
N ASN B 272 20.19 -0.45 -12.81
CA ASN B 272 21.13 0.24 -11.93
C ASN B 272 22.59 0.03 -12.34
N MET B 273 22.86 -0.96 -13.20
CA MET B 273 24.19 -1.18 -13.77
C MET B 273 25.28 -1.36 -12.72
N GLY B 274 24.91 -1.88 -11.55
CA GLY B 274 25.85 -2.19 -10.51
C GLY B 274 25.85 -1.23 -9.34
N VAL B 275 25.13 -0.12 -9.44
CA VAL B 275 25.07 0.90 -8.39
C VAL B 275 23.63 0.99 -7.90
N GLY B 276 23.37 0.48 -6.70
CA GLY B 276 22.01 0.43 -6.16
C GLY B 276 21.57 1.67 -5.42
N PHE B 277 22.51 2.46 -4.93
CA PHE B 277 22.22 3.62 -4.09
C PHE B 277 23.33 4.63 -4.25
N ILE B 278 22.98 5.91 -4.32
CA ILE B 278 23.97 6.97 -4.50
C ILE B 278 23.78 8.01 -3.40
N VAL B 279 24.89 8.47 -2.84
CA VAL B 279 24.87 9.54 -1.85
C VAL B 279 25.74 10.68 -2.37
N VAL B 280 25.31 11.89 -2.09
CA VAL B 280 26.03 13.10 -2.46
C VAL B 280 26.48 13.78 -1.17
N VAL B 281 27.79 13.98 -1.04
CA VAL B 281 28.37 14.57 0.18
C VAL B 281 29.32 15.69 -0.23
N PRO B 282 29.55 16.66 0.63
CA PRO B 282 30.59 17.66 0.36
C PRO B 282 31.96 16.98 0.31
N GLN B 283 32.82 17.50 -0.57
CA GLN B 283 34.11 16.87 -0.85
C GLN B 283 34.87 16.57 0.42
N GLU B 284 34.76 17.45 1.40
CA GLU B 284 35.50 17.30 2.64
C GLU B 284 35.06 16.08 3.46
N GLU B 285 33.88 15.50 3.18
CA GLU B 285 33.40 14.31 3.88
C GLU B 285 33.59 13.04 3.06
N LYS B 286 34.22 13.13 1.88
CA LYS B 286 34.24 12.03 0.94
C LYS B 286 34.94 10.79 1.50
N GLU B 287 36.10 10.98 2.12
CA GLU B 287 36.86 9.84 2.61
C GLU B 287 36.13 9.15 3.75
N GLU B 288 35.65 9.94 4.72
CA GLU B 288 34.95 9.37 5.86
C GLU B 288 33.68 8.65 5.41
N ALA B 289 33.01 9.18 4.39
CA ALA B 289 31.81 8.54 3.88
C ALA B 289 32.12 7.21 3.22
N LEU B 290 33.18 7.18 2.40
CA LEU B 290 33.62 5.94 1.79
C LEU B 290 33.95 4.90 2.85
N GLU B 291 34.58 5.33 3.94
CA GLU B 291 34.98 4.39 4.99
C GLU B 291 33.77 3.74 5.64
N ILE B 292 32.78 4.55 6.03
CA ILE B 292 31.59 4.02 6.69
C ILE B 292 30.88 3.04 5.77
N LEU B 293 30.65 3.44 4.51
CA LEU B 293 29.92 2.59 3.59
C LEU B 293 30.69 1.32 3.25
N SER B 294 32.01 1.42 3.10
CA SER B 294 32.79 0.23 2.73
C SER B 294 32.81 -0.81 3.84
N ARG B 295 32.46 -0.42 5.06
CA ARG B 295 32.29 -1.40 6.12
C ARG B 295 31.10 -2.32 5.86
N HIS B 296 30.18 -1.94 4.98
CA HIS B 296 28.98 -2.72 4.70
C HIS B 296 28.96 -3.32 3.31
N TYR B 297 29.20 -2.52 2.28
CA TYR B 297 29.13 -2.98 0.91
C TYR B 297 30.21 -2.28 0.10
N LYS B 298 30.57 -2.91 -1.02
CA LYS B 298 31.50 -2.30 -1.96
C LYS B 298 30.96 -0.96 -2.42
N SER B 299 31.78 0.09 -2.26
CA SER B 299 31.39 1.45 -2.57
C SER B 299 32.45 2.11 -3.44
N TYR B 300 32.00 3.02 -4.29
CA TYR B 300 32.83 3.66 -5.30
C TYR B 300 32.70 5.17 -5.22
N GLU B 301 33.79 5.87 -5.50
CA GLU B 301 33.72 7.29 -5.80
C GLU B 301 33.35 7.41 -7.27
N LEU B 302 32.14 7.89 -7.55
CA LEU B 302 31.67 7.92 -8.93
C LEU B 302 32.11 9.20 -9.63
N GLY B 303 32.19 10.31 -8.91
CA GLY B 303 32.49 11.58 -9.53
C GLY B 303 31.96 12.76 -8.75
N ASN B 304 31.47 13.77 -9.45
CA ASN B 304 31.20 15.07 -8.85
C ASN B 304 29.96 15.71 -9.44
N VAL B 305 29.41 16.64 -8.69
CA VAL B 305 28.37 17.52 -9.18
C VAL B 305 29.02 18.68 -9.93
N THR B 306 28.39 19.12 -11.02
CA THR B 306 28.94 20.15 -11.88
C THR B 306 27.89 21.22 -12.16
N ARG B 307 28.32 22.29 -12.81
CA ARG B 307 27.44 23.38 -13.20
C ARG B 307 26.83 23.18 -14.58
N GLU B 308 26.97 21.99 -15.16
CA GLU B 308 26.37 21.68 -16.45
C GLU B 308 24.97 21.15 -16.21
N LEU B 309 24.05 22.08 -15.99
CA LEU B 309 22.73 21.78 -15.48
C LEU B 309 22.00 20.74 -16.34
N GLY B 310 21.27 19.86 -15.66
CA GLY B 310 20.33 18.97 -16.32
C GLY B 310 20.93 17.75 -16.98
N LYS B 311 22.23 17.50 -16.84
CA LYS B 311 22.87 16.43 -17.58
C LYS B 311 23.60 15.50 -16.63
N ILE B 312 23.70 14.24 -17.02
CA ILE B 312 24.50 13.24 -16.32
C ILE B 312 25.49 12.67 -17.32
N LYS B 313 26.76 12.98 -17.16
CA LYS B 313 27.81 12.50 -18.07
C LYS B 313 28.44 11.25 -17.48
N VAL B 314 28.27 10.13 -18.15
CA VAL B 314 29.02 8.91 -17.80
C VAL B 314 30.27 8.95 -18.67
N LYS B 315 31.35 9.50 -18.10
CA LYS B 315 32.54 9.84 -18.88
C LYS B 315 33.20 8.60 -19.46
N ASN B 316 33.44 7.59 -18.62
CA ASN B 316 34.13 6.38 -19.09
C ASN B 316 33.30 5.56 -20.07
N TYR B 317 32.05 5.92 -20.35
CA TYR B 317 31.27 5.26 -21.38
C TYR B 317 30.87 6.19 -22.51
N GLY B 318 31.21 7.48 -22.42
CA GLY B 318 30.87 8.42 -23.48
C GLY B 318 29.38 8.64 -23.65
N ILE B 319 28.63 8.68 -22.56
CA ILE B 319 27.18 8.82 -22.58
C ILE B 319 26.79 10.07 -21.80
N THR B 320 25.79 10.79 -22.30
CA THR B 320 25.23 11.94 -21.61
C THR B 320 23.72 11.73 -21.50
N LEU B 321 23.21 11.56 -20.28
N LEU B 321 23.21 11.58 -20.28
CA LEU B 321 21.78 11.33 -20.07
CA LEU B 321 21.77 11.44 -20.05
C LEU B 321 21.05 12.63 -19.70
C LEU B 321 21.12 12.76 -19.66
PG ANP C . 10.13 3.43 -8.46
O1G ANP C . 8.61 3.29 -8.60
O2G ANP C . 10.92 3.17 -9.75
O3G ANP C . 10.63 2.70 -7.22
PB ANP C . 10.00 6.05 -6.90
O1B ANP C . 9.09 5.22 -6.05
O2B ANP C . 11.16 6.78 -6.27
N3B ANP C . 10.44 5.17 -8.24
PA ANP C . 7.79 6.97 -8.58
O1A ANP C . 8.24 7.13 -10.01
O2A ANP C . 7.03 5.73 -8.16
O3A ANP C . 9.00 7.26 -7.55
O5' ANP C . 6.84 8.28 -8.24
C5' ANP C . 7.29 9.62 -8.36
C4' ANP C . 6.46 10.51 -7.46
O4' ANP C . 5.08 10.51 -7.86
C3' ANP C . 6.47 10.05 -6.00
O3' ANP C . 6.76 11.08 -5.11
C2' ANP C . 5.14 9.32 -5.81
O2' ANP C . 4.72 9.39 -4.47
C1' ANP C . 4.23 10.06 -6.85
N9 ANP C . 3.28 9.11 -7.43
C8 ANP C . 3.50 8.09 -8.31
N7 ANP C . 2.43 7.41 -8.62
C5 ANP C . 1.43 8.00 -7.89
C6 ANP C . 0.05 7.76 -7.75
N6 ANP C . -0.59 6.77 -8.41
N1 ANP C . -0.64 8.54 -6.93
C2 ANP C . -0.02 9.52 -6.26
N3 ANP C . 1.25 9.85 -6.30
C4 ANP C . 1.94 9.06 -7.14
MN MN D . -10.56 -3.57 5.18
MN MN E . -8.12 -6.12 4.19
K K F . -7.35 -3.26 7.04
PG ANP G . -11.24 -6.56 4.19
O1G ANP G . -11.43 -5.04 4.06
O2G ANP G . -12.48 -7.37 3.78
O3G ANP G . -9.93 -7.07 3.56
PB ANP G . -9.97 -6.13 6.87
O1B ANP G . -9.08 -5.25 6.01
O2B ANP G . -10.61 -5.57 8.12
N3B ANP G . -11.01 -6.94 5.90
PA ANP G . -8.23 -8.46 6.55
O1A ANP G . -9.05 -9.71 6.53
O2A ANP G . -7.68 -7.86 5.29
O3A ANP G . -8.92 -7.32 7.45
O5' ANP G . -6.95 -8.78 7.55
C5' ANP G . -7.11 -9.26 8.86
C4' ANP G . -5.85 -8.95 9.65
O4' ANP G . -4.70 -9.65 9.13
C3' ANP G . -5.46 -7.48 9.64
O3' ANP G . -5.15 -7.01 10.90
C2' ANP G . -4.34 -7.35 8.60
O2' ANP G . -3.42 -6.38 9.02
C1' ANP G . -3.73 -8.77 8.65
N9 ANP G . -3.30 -9.15 7.31
C8 ANP G . -4.05 -9.55 6.24
N7 ANP G . -3.32 -9.81 5.19
C5 ANP G . -2.02 -9.57 5.57
C6 ANP G . -0.78 -9.65 4.93
N6 ANP G . -0.63 -10.03 3.64
N1 ANP G . 0.31 -9.32 5.62
C2 ANP G . 0.20 -8.95 6.89
N3 ANP G . -0.90 -8.83 7.60
C4 ANP G . -2.00 -9.15 6.89
MN MN H . 10.54 3.44 -5.32
MN MN I . 7.36 4.02 -7.09
K K J . 8.34 5.70 -3.44
#